data_3O9W
#
_entry.id   3O9W
#
_cell.length_a   78.003
_cell.length_b   188.368
_cell.length_c   149.791
_cell.angle_alpha   90.00
_cell.angle_beta   90.00
_cell.angle_gamma   90.00
#
_symmetry.space_group_name_H-M   'C 2 2 21'
#
loop_
_entity.id
_entity.type
_entity.pdbx_description
1 polymer 'Antigen-presenting glycoprotein CD1d1'
2 polymer Beta-2-microglobulin
3 polymer 'Valpha14 chimera (Mouse variable domain, Human T-cell receptor alpha chain C region constant domain)'
4 polymer 'Vbeta8.2 chimera (Mouse variable domain, Human T-cell receptor beta-2 chain C region constant domain)'
5 branched 2-acetamido-2-deoxy-beta-D-glucopyranose-(1-4)-2-acetamido-2-deoxy-beta-D-glucopyranose
6 branched 2-acetamido-2-deoxy-beta-D-glucopyranose-(1-4)-[alpha-L-fucopyranose-(1-6)]2-acetamido-2-deoxy-beta-D-glucopyranose
7 non-polymer 2-acetamido-2-deoxy-beta-D-glucopyranose
8 non-polymer '(2S)-3-(alpha-D-galactopyranosyloxy)-2-(hexadecanoyloxy)propyl (9Z)-octadec-9-enoate'
9 water water
#
loop_
_entity_poly.entity_id
_entity_poly.type
_entity_poly.pdbx_seq_one_letter_code
_entity_poly.pdbx_strand_id
1 'polypeptide(L)'
;SEAQQKNYTFRCLQMSSFANRSWSRTDSVVWLGDLQTHRWSNDSATISFTKPWSQGKLSNQQWEKLQHMFQVYRVSFTRD
IQELVKMMSPKEDYPIEIQLSAGCEMYPGNASESFLHVAFQGKYVVRFWGTSWQTVPGAPSWLDLPIKVLNADQGTSATV
QMLLNDTCPLFVRGLLEAGKSDLEKQEKPVAWLSSVPSSAHGHRQLVCHVSGFYPKPVWVMWMRGDQEQQGTHRGDFLPN
ADETWYLQATLDVEAGEEAGLACRVKHSSLGGQDIILYWHHHHHH
;
A
2 'polypeptide(L)'
;IQKTPQIQVYSRHPPENGKPNILNCYVTQFHPPHIEIQMLKNGKKIPKVEMSDMSFSKDWSFYILAHTEFTPTETDTYAC
RVKHASMAEPKTVYWDRDM
;
B
3 'polypeptide(L)'
;MKTQVEQSPQSLVVRQGENCVLQCNYSVTPDNHLRWFKQDTGKGLVSLTVLVDQKDKTSNGRYSATLDKDAKHSTLHITA
TLLDDTATYICVVGDRGSALGRLHFGAGTQLIVIPDIQNPDPAVYQLRDSKSSDKSVCLFTDFDSQTNVSQSKDSDVYIT
DKCVLDMRSMDFKSNSAVAWSNKSDFACANAFNNSIIPEDTFFPSPESS
;
C
4 'polypeptide(L)'
;MEAAVTQSPRNKVAVTGGKVTLSCNQTNNHNNMYWYRQDTGHGLRLIHYSYGAGSTEKGDIPDGYKASRPSQENFSLILE
LATPSQTSVYFCASGDEGYTQYFGPGTRLLVLEDLRNVTPPKVSLFEPSKAEISHTQKATLVCLATGFYPDHVELSWWVN
GKEVHSGVCTDPQPLKEQPALNDSRYSLSSRLRVSATFWQNPRNHFRCQVQFYGLSENDEWTQDRAKPVTQIVSAEAWGR
A
;
D
#
# COMPACT_ATOMS: atom_id res chain seq x y z
N LYS A 6 -0.84 -44.07 9.26
CA LYS A 6 -0.99 -44.13 7.78
C LYS A 6 -1.77 -42.92 7.24
N ASN A 7 -2.36 -42.14 8.14
CA ASN A 7 -3.06 -40.91 7.76
C ASN A 7 -2.62 -39.69 8.56
N TYR A 8 -1.54 -39.04 8.12
CA TYR A 8 -0.97 -37.89 8.84
C TYR A 8 -1.48 -36.56 8.31
N THR A 9 -1.79 -35.62 9.20
CA THR A 9 -2.17 -34.25 8.84
C THR A 9 -1.06 -33.25 9.14
N PHE A 10 -0.80 -32.35 8.21
CA PHE A 10 0.21 -31.31 8.37
C PHE A 10 -0.48 -29.96 8.59
N ARG A 11 -0.17 -29.29 9.69
CA ARG A 11 -0.86 -28.05 10.09
C ARG A 11 0.08 -26.89 10.32
N CYS A 12 -0.05 -25.84 9.53
CA CYS A 12 0.65 -24.62 9.84
C CYS A 12 -0.34 -23.75 10.58
N LEU A 13 -0.10 -23.51 11.86
CA LEU A 13 -1.04 -22.72 12.63
C LEU A 13 -0.51 -21.35 12.96
N GLN A 14 -1.15 -20.31 12.40
CA GLN A 14 -0.80 -18.91 12.66
C GLN A 14 -1.73 -18.24 13.66
N MET A 15 -1.17 -17.60 14.66
CA MET A 15 -1.91 -16.76 15.64
C MET A 15 -1.58 -15.27 15.55
N SER A 16 -2.53 -14.43 15.12
CA SER A 16 -2.24 -12.99 15.13
C SER A 16 -3.15 -12.20 16.05
N SER A 17 -2.54 -11.39 16.91
CA SER A 17 -3.27 -10.50 17.82
C SER A 17 -3.04 -9.05 17.45
N PHE A 18 -4.11 -8.26 17.47
CA PHE A 18 -4.01 -6.85 17.19
C PHE A 18 -4.70 -6.15 18.33
N ALA A 19 -3.92 -5.48 19.16
CA ALA A 19 -4.45 -4.79 20.34
C ALA A 19 -5.12 -3.50 19.97
N ASN A 20 -4.45 -2.74 19.11
CA ASN A 20 -4.87 -1.39 18.75
C ASN A 20 -4.27 -1.07 17.39
N ARG A 21 -4.09 0.21 17.07
CA ARG A 21 -3.67 0.59 15.72
C ARG A 21 -2.17 0.41 15.48
N SER A 22 -1.43 0.26 16.57
CA SER A 22 0.00 0.01 16.46
C SER A 22 0.32 -1.45 16.81
N TRP A 23 0.00 -1.85 18.04
CA TRP A 23 0.40 -3.15 18.59
C TRP A 23 -0.17 -4.34 17.84
N SER A 24 0.72 -5.30 17.56
CA SER A 24 0.37 -6.56 16.92
C SER A 24 1.47 -7.60 17.07
N ARG A 25 1.07 -8.87 17.05
CA ARG A 25 2.03 -9.96 16.99
C ARG A 25 1.49 -11.16 16.25
N THR A 26 2.41 -11.90 15.64
CA THR A 26 2.08 -13.12 14.92
C THR A 26 3.11 -14.17 15.31
N ASP A 27 2.63 -15.30 15.82
CA ASP A 27 3.46 -16.45 16.07
C ASP A 27 2.76 -17.58 15.38
N SER A 28 3.53 -18.49 14.79
CA SER A 28 2.95 -19.71 14.30
C SER A 28 3.76 -20.93 14.70
N VAL A 29 3.08 -22.06 14.74
CA VAL A 29 3.70 -23.35 14.98
C VAL A 29 3.27 -24.31 13.89
N VAL A 30 4.11 -25.30 13.60
CA VAL A 30 3.80 -26.28 12.58
C VAL A 30 3.85 -27.69 13.15
N TRP A 31 2.81 -28.47 12.84
CA TRP A 31 2.65 -29.84 13.34
C TRP A 31 2.57 -30.83 12.19
N LEU A 32 3.07 -32.05 12.41
CA LEU A 32 2.81 -33.18 11.54
C LEU A 32 2.18 -34.29 12.38
N GLY A 33 0.88 -34.46 12.27
CA GLY A 33 0.16 -35.19 13.30
C GLY A 33 0.33 -34.42 14.62
N ASP A 34 0.86 -35.09 15.64
CA ASP A 34 1.04 -34.49 16.95
C ASP A 34 2.51 -34.21 17.33
N LEU A 35 3.44 -34.32 16.37
CA LEU A 35 4.81 -33.82 16.54
C LEU A 35 5.02 -32.41 15.97
N GLN A 36 5.74 -31.57 16.71
CA GLN A 36 5.97 -30.21 16.28
C GLN A 36 7.19 -30.15 15.37
N THR A 37 7.03 -29.58 14.17
CA THR A 37 8.13 -29.50 13.22
C THR A 37 8.79 -28.14 13.16
N HIS A 38 8.03 -27.07 13.32
CA HIS A 38 8.62 -25.75 13.25
C HIS A 38 7.98 -24.83 14.26
N ARG A 39 8.71 -23.78 14.60
CA ARG A 39 8.21 -22.70 15.40
C ARG A 39 8.66 -21.40 14.73
N TRP A 40 7.82 -20.37 14.77
CA TRP A 40 8.22 -19.04 14.35
C TRP A 40 7.61 -17.97 15.25
N SER A 41 8.35 -17.63 16.30
CA SER A 41 7.95 -16.57 17.20
C SER A 41 8.01 -15.21 16.49
N ASN A 42 7.06 -14.33 16.80
CA ASN A 42 7.12 -12.92 16.38
C ASN A 42 8.51 -12.33 16.57
N ASP A 43 9.14 -12.61 17.70
CA ASP A 43 10.43 -12.02 18.05
C ASP A 43 11.61 -12.56 17.24
N SER A 44 11.32 -13.42 16.27
CA SER A 44 12.38 -14.05 15.47
C SER A 44 12.25 -13.77 13.99
N ALA A 45 13.38 -13.40 13.39
CA ALA A 45 13.44 -13.01 11.99
C ALA A 45 13.27 -14.22 11.07
N THR A 46 13.57 -15.40 11.60
CA THR A 46 13.65 -16.63 10.82
C THR A 46 12.81 -17.71 11.48
N ILE A 47 12.50 -18.75 10.71
CA ILE A 47 11.72 -19.88 11.19
C ILE A 47 12.63 -20.87 11.88
N SER A 48 12.23 -21.39 13.03
CA SER A 48 13.05 -22.35 13.75
C SER A 48 12.58 -23.79 13.58
N PHE A 49 13.51 -24.66 13.21
CA PHE A 49 13.27 -26.09 13.17
C PHE A 49 13.17 -26.62 14.58
N THR A 50 12.38 -27.66 14.76
CA THR A 50 12.21 -28.26 16.08
C THR A 50 12.33 -29.78 15.98
N LYS A 51 12.80 -30.26 14.83
CA LYS A 51 13.13 -31.67 14.60
C LYS A 51 14.36 -31.70 13.70
N PRO A 52 15.19 -32.74 13.83
CA PRO A 52 16.35 -32.75 12.93
C PRO A 52 15.93 -32.84 11.47
N TRP A 53 14.72 -33.29 11.20
CA TRP A 53 14.27 -33.52 9.82
C TRP A 53 13.30 -32.47 9.33
N SER A 54 13.26 -31.34 10.02
CA SER A 54 12.26 -30.30 9.73
C SER A 54 12.27 -29.78 8.29
N GLN A 55 13.38 -29.98 7.57
CA GLN A 55 13.50 -29.45 6.21
C GLN A 55 13.00 -30.47 5.20
N GLY A 56 12.63 -31.66 5.70
CA GLY A 56 12.25 -32.77 4.85
C GLY A 56 13.31 -33.02 3.82
N LYS A 57 12.92 -33.06 2.54
CA LYS A 57 13.86 -33.28 1.41
C LYS A 57 14.02 -32.01 0.56
N LEU A 58 13.63 -30.85 1.09
CA LEU A 58 13.97 -29.58 0.47
C LEU A 58 15.46 -29.27 0.54
N SER A 59 15.99 -28.68 -0.53
CA SER A 59 17.35 -28.17 -0.54
C SER A 59 17.37 -26.82 0.16
N ASN A 60 18.58 -26.38 0.52
CA ASN A 60 18.78 -25.05 1.10
C ASN A 60 18.23 -23.89 0.27
N GLN A 61 18.52 -23.88 -1.04
CA GLN A 61 18.04 -22.83 -1.93
C GLN A 61 16.50 -22.77 -1.90
N GLN A 62 15.85 -23.93 -1.83
CA GLN A 62 14.40 -23.98 -1.81
C GLN A 62 13.87 -23.52 -0.46
N TRP A 63 14.54 -23.94 0.62
CA TRP A 63 14.15 -23.51 1.96
C TRP A 63 14.36 -22.00 2.14
N GLU A 64 15.59 -21.52 1.91
CA GLU A 64 15.88 -20.07 1.92
C GLU A 64 14.81 -19.28 1.17
N LYS A 65 14.47 -19.72 -0.04
CA LYS A 65 13.49 -19.04 -0.88
C LYS A 65 12.11 -19.03 -0.24
N LEU A 66 11.72 -20.18 0.32
CA LEU A 66 10.44 -20.36 0.98
C LEU A 66 10.40 -19.48 2.20
N GLN A 67 11.37 -19.68 3.10
CA GLN A 67 11.46 -18.83 4.28
C GLN A 67 11.45 -17.36 3.93
N HIS A 68 12.04 -16.99 2.79
CA HIS A 68 12.00 -15.59 2.40
C HIS A 68 10.58 -15.12 2.13
N MET A 69 9.81 -15.89 1.38
CA MET A 69 8.47 -15.41 1.02
C MET A 69 7.48 -15.30 2.21
N PHE A 70 7.60 -16.22 3.16
CA PHE A 70 6.88 -16.11 4.44
C PHE A 70 7.27 -14.88 5.26
N GLN A 71 8.57 -14.59 5.35
CA GLN A 71 9.04 -13.38 6.04
C GLN A 71 8.31 -12.14 5.56
N VAL A 72 8.25 -12.02 4.24
CA VAL A 72 7.55 -10.98 3.54
C VAL A 72 6.06 -11.09 3.82
N TYR A 73 5.53 -12.31 3.87
CA TYR A 73 4.11 -12.47 4.17
C TYR A 73 3.75 -11.93 5.55
N ARG A 74 4.56 -12.28 6.55
CA ARG A 74 4.28 -11.90 7.92
C ARG A 74 4.09 -10.41 8.05
N VAL A 75 5.04 -9.66 7.52
CA VAL A 75 4.97 -8.20 7.49
C VAL A 75 3.73 -7.70 6.72
N SER A 76 3.46 -8.36 5.58
CA SER A 76 2.41 -7.94 4.65
C SER A 76 1.08 -8.17 5.27
N PHE A 77 0.95 -9.33 5.87
CA PHE A 77 -0.29 -9.72 6.51
C PHE A 77 -0.62 -8.73 7.62
N THR A 78 0.39 -8.25 8.32
CA THR A 78 0.17 -7.34 9.40
C THR A 78 -0.48 -6.08 8.85
N ARG A 79 0.16 -5.46 7.86
CA ARG A 79 -0.31 -4.18 7.38
C ARG A 79 -1.70 -4.33 6.78
N ASP A 80 -1.96 -5.50 6.18
CA ASP A 80 -3.23 -5.75 5.52
C ASP A 80 -4.44 -5.75 6.46
N ILE A 81 -4.36 -6.52 7.55
CA ILE A 81 -5.41 -6.53 8.56
C ILE A 81 -5.63 -5.14 9.09
N GLN A 82 -4.57 -4.45 9.46
CA GLN A 82 -4.70 -3.11 10.04
C GLN A 82 -5.47 -2.24 9.09
N GLU A 83 -5.34 -2.54 7.80
CA GLU A 83 -5.93 -1.70 6.78
C GLU A 83 -7.40 -2.10 6.55
N LEU A 84 -7.71 -3.38 6.65
CA LEU A 84 -9.09 -3.84 6.56
C LEU A 84 -9.96 -3.29 7.70
N VAL A 85 -9.42 -3.36 8.92
CA VAL A 85 -10.04 -2.73 10.05
C VAL A 85 -10.45 -1.31 9.65
N LYS A 86 -9.53 -0.57 9.04
CA LYS A 86 -9.81 0.81 8.66
C LYS A 86 -10.94 0.91 7.67
N MET A 87 -11.05 -0.09 6.81
CA MET A 87 -12.04 -0.05 5.75
C MET A 87 -13.44 -0.32 6.33
N MET A 88 -13.48 -1.05 7.44
CA MET A 88 -14.72 -1.60 7.96
C MET A 88 -15.22 -0.82 9.17
N SER A 89 -14.31 -0.26 9.94
CA SER A 89 -14.69 0.58 11.07
C SER A 89 -15.72 1.66 10.65
N PRO A 90 -16.61 2.06 11.58
CA PRO A 90 -16.63 1.69 13.00
C PRO A 90 -17.34 0.36 13.27
N LYS A 91 -17.82 -0.27 12.19
CA LYS A 91 -18.40 -1.63 12.20
C LYS A 91 -17.59 -2.60 13.08
N GLU A 92 -16.30 -2.74 12.79
CA GLU A 92 -15.45 -3.71 13.48
C GLU A 92 -14.19 -3.03 13.99
N ASP A 93 -13.79 -3.34 15.22
CA ASP A 93 -12.68 -2.64 15.86
C ASP A 93 -11.90 -3.51 16.85
N TYR A 94 -10.76 -3.00 17.30
CA TYR A 94 -9.83 -3.74 18.15
C TYR A 94 -10.46 -4.07 19.51
N PRO A 95 -9.92 -5.07 20.23
CA PRO A 95 -8.87 -6.00 19.83
C PRO A 95 -9.36 -6.98 18.77
N ILE A 96 -8.44 -7.49 17.98
CA ILE A 96 -8.81 -8.47 16.99
C ILE A 96 -7.90 -9.65 17.12
N GLU A 97 -8.50 -10.83 16.99
CA GLU A 97 -7.76 -12.09 16.97
C GLU A 97 -7.98 -12.80 15.63
N ILE A 98 -6.90 -13.19 14.96
CA ILE A 98 -7.03 -13.92 13.72
C ILE A 98 -6.17 -15.16 13.78
N GLN A 99 -6.74 -16.28 13.38
CA GLN A 99 -6.04 -17.55 13.40
C GLN A 99 -6.11 -18.19 12.02
N LEU A 100 -5.01 -18.80 11.58
CA LEU A 100 -4.98 -19.54 10.32
C LEU A 100 -4.50 -20.96 10.49
N SER A 101 -5.17 -21.84 9.78
CA SER A 101 -4.79 -23.24 9.81
C SER A 101 -4.70 -23.68 8.36
N ALA A 102 -3.47 -23.89 7.89
CA ALA A 102 -3.25 -24.27 6.51
C ALA A 102 -2.49 -25.57 6.51
N GLY A 103 -2.51 -26.30 5.41
CA GLY A 103 -1.75 -27.52 5.36
C GLY A 103 -2.47 -28.52 4.50
N CYS A 104 -2.08 -29.77 4.61
CA CYS A 104 -2.74 -30.79 3.83
C CYS A 104 -2.71 -32.11 4.56
N GLU A 105 -3.56 -33.02 4.12
CA GLU A 105 -3.66 -34.33 4.70
C GLU A 105 -3.20 -35.35 3.66
N MET A 106 -2.49 -36.38 4.10
CA MET A 106 -1.97 -37.42 3.20
C MET A 106 -2.77 -38.70 3.24
N TYR A 107 -2.90 -39.33 2.08
CA TYR A 107 -3.57 -40.63 1.95
C TYR A 107 -2.63 -41.59 1.28
N PRO A 108 -2.76 -42.91 1.59
CA PRO A 108 -1.71 -43.86 1.21
C PRO A 108 -1.69 -44.24 -0.28
N GLY A 109 -2.31 -43.40 -1.12
CA GLY A 109 -2.04 -43.39 -2.56
C GLY A 109 -0.99 -42.32 -2.82
N ASN A 110 -0.92 -41.81 -4.03
CA ASN A 110 -0.18 -40.58 -4.25
C ASN A 110 -1.17 -39.44 -4.03
N ALA A 111 -1.87 -39.50 -2.88
CA ALA A 111 -3.12 -38.76 -2.67
C ALA A 111 -3.13 -37.84 -1.46
N SER A 112 -3.88 -36.74 -1.58
CA SER A 112 -3.83 -35.64 -0.62
C SER A 112 -4.95 -34.62 -0.85
N GLU A 113 -5.27 -33.87 0.20
CA GLU A 113 -6.19 -32.73 0.13
C GLU A 113 -5.64 -31.60 1.01
N SER A 114 -5.73 -30.37 0.53
CA SER A 114 -5.20 -29.22 1.24
C SER A 114 -6.32 -28.31 1.73
N PHE A 115 -6.03 -27.59 2.79
CA PHE A 115 -7.00 -26.71 3.36
C PHE A 115 -6.27 -25.44 3.77
N LEU A 116 -7.03 -24.36 3.91
CA LEU A 116 -6.51 -23.11 4.48
C LEU A 116 -7.67 -22.29 5.04
N HIS A 117 -7.84 -22.37 6.35
CA HIS A 117 -9.02 -21.86 7.03
C HIS A 117 -8.69 -20.63 7.85
N VAL A 118 -9.63 -19.71 7.94
CA VAL A 118 -9.41 -18.51 8.74
C VAL A 118 -10.49 -18.34 9.79
N ALA A 119 -10.05 -18.11 11.02
CA ALA A 119 -10.95 -17.70 12.08
C ALA A 119 -10.70 -16.23 12.46
N PHE A 120 -11.78 -15.60 12.92
CA PHE A 120 -11.84 -14.21 13.27
C PHE A 120 -12.57 -14.13 14.60
N GLN A 121 -11.86 -13.63 15.61
CA GLN A 121 -12.40 -13.60 16.96
C GLN A 121 -12.81 -14.99 17.42
N GLY A 122 -12.02 -16.01 17.04
CA GLY A 122 -12.24 -17.38 17.47
C GLY A 122 -13.29 -18.14 16.67
N LYS A 123 -13.79 -17.54 15.58
CA LYS A 123 -14.79 -18.21 14.76
C LYS A 123 -14.37 -18.44 13.29
N TYR A 124 -14.58 -19.66 12.81
CA TYR A 124 -14.24 -20.01 11.44
C TYR A 124 -15.14 -19.25 10.47
N VAL A 125 -14.54 -18.40 9.64
CA VAL A 125 -15.29 -17.53 8.74
C VAL A 125 -14.90 -17.55 7.25
N VAL A 126 -13.64 -17.85 6.96
CA VAL A 126 -13.15 -17.69 5.59
C VAL A 126 -12.29 -18.87 5.25
N ARG A 127 -12.37 -19.35 4.02
CA ARG A 127 -11.39 -20.32 3.55
C ARG A 127 -10.92 -19.99 2.15
N PHE A 128 -9.74 -20.49 1.78
CA PHE A 128 -9.35 -20.45 0.38
C PHE A 128 -9.86 -21.72 -0.28
N TRP A 129 -10.58 -21.60 -1.39
CA TRP A 129 -11.15 -22.78 -2.04
C TRP A 129 -11.08 -22.68 -3.55
N GLY A 130 -10.27 -23.54 -4.16
CA GLY A 130 -10.12 -23.54 -5.61
C GLY A 130 -9.22 -22.41 -6.07
N THR A 131 -9.81 -21.26 -6.43
CA THR A 131 -9.01 -20.13 -6.90
C THR A 131 -9.25 -18.82 -6.15
N SER A 132 -10.08 -18.84 -5.13
CA SER A 132 -10.36 -17.61 -4.41
C SER A 132 -10.65 -17.88 -2.95
N TRP A 133 -10.65 -16.80 -2.18
CA TRP A 133 -11.17 -16.82 -0.81
C TRP A 133 -12.66 -16.75 -0.95
N GLN A 134 -13.34 -17.39 0.01
CA GLN A 134 -14.78 -17.36 0.08
C GLN A 134 -15.14 -17.45 1.54
N THR A 135 -16.33 -16.99 1.87
CA THR A 135 -16.85 -17.17 3.23
C THR A 135 -17.54 -18.52 3.38
N VAL A 136 -17.49 -19.08 4.59
CA VAL A 136 -18.18 -20.31 4.94
C VAL A 136 -19.62 -20.07 5.46
N PRO A 137 -20.50 -21.10 5.45
CA PRO A 137 -21.83 -20.91 6.03
C PRO A 137 -21.76 -20.35 7.46
N GLY A 138 -22.63 -19.42 7.77
CA GLY A 138 -22.67 -18.80 9.10
C GLY A 138 -21.89 -17.51 9.20
N ALA A 139 -21.06 -17.21 8.20
CA ALA A 139 -20.25 -15.98 8.21
C ALA A 139 -21.10 -14.73 8.08
N PRO A 140 -20.70 -13.62 8.75
CA PRO A 140 -21.39 -12.33 8.68
C PRO A 140 -21.11 -11.59 7.38
N SER A 141 -22.15 -11.00 6.80
CA SER A 141 -22.09 -10.45 5.45
C SER A 141 -21.05 -9.36 5.20
N TRP A 142 -20.63 -8.66 6.25
CA TRP A 142 -19.70 -7.55 6.07
C TRP A 142 -18.36 -8.04 5.54
N LEU A 143 -18.05 -9.31 5.77
CA LEU A 143 -16.83 -9.91 5.30
C LEU A 143 -16.70 -9.93 3.80
N ASP A 144 -17.79 -9.66 3.10
CA ASP A 144 -17.77 -9.67 1.67
C ASP A 144 -16.84 -8.61 1.10
N LEU A 145 -16.73 -7.47 1.76
CA LEU A 145 -15.87 -6.44 1.23
C LEU A 145 -14.42 -6.91 1.37
N PRO A 146 -14.00 -7.29 2.59
CA PRO A 146 -12.66 -7.83 2.68
C PRO A 146 -12.36 -8.88 1.62
N ILE A 147 -13.26 -9.84 1.44
CA ILE A 147 -13.11 -10.90 0.44
C ILE A 147 -13.01 -10.38 -0.99
N LYS A 148 -13.83 -9.39 -1.34
CA LYS A 148 -13.88 -8.83 -2.69
C LYS A 148 -12.50 -8.27 -2.98
N VAL A 149 -11.98 -7.58 -1.96
CA VAL A 149 -10.65 -6.98 -2.01
C VAL A 149 -9.55 -8.02 -2.18
N LEU A 150 -9.42 -8.94 -1.23
CA LEU A 150 -8.39 -9.97 -1.33
C LEU A 150 -8.43 -10.68 -2.66
N ASN A 151 -9.64 -10.86 -3.17
CA ASN A 151 -9.80 -11.62 -4.39
C ASN A 151 -9.38 -10.85 -5.63
N ALA A 152 -9.27 -9.54 -5.48
CA ALA A 152 -8.83 -8.65 -6.54
C ALA A 152 -7.34 -8.85 -6.83
N ASP A 153 -6.63 -9.33 -5.83
CA ASP A 153 -5.19 -9.58 -5.91
C ASP A 153 -4.83 -10.91 -6.54
N GLN A 154 -4.70 -10.89 -7.86
CA GLN A 154 -4.43 -12.08 -8.64
C GLN A 154 -3.11 -12.77 -8.31
N GLY A 155 -2.06 -11.98 -8.12
CA GLY A 155 -0.78 -12.52 -7.73
C GLY A 155 -0.81 -13.33 -6.45
N THR A 156 -1.59 -12.90 -5.46
CA THR A 156 -1.68 -13.63 -4.20
C THR A 156 -2.39 -14.97 -4.39
N SER A 157 -3.48 -14.97 -5.15
CA SER A 157 -4.23 -16.20 -5.37
C SER A 157 -3.34 -17.24 -6.08
N ALA A 158 -2.70 -16.84 -7.17
CA ALA A 158 -1.70 -17.67 -7.83
C ALA A 158 -0.67 -18.26 -6.83
N THR A 159 -0.12 -17.43 -5.95
CA THR A 159 0.85 -17.91 -4.97
C THR A 159 0.22 -18.95 -4.04
N VAL A 160 -0.97 -18.62 -3.53
CA VAL A 160 -1.67 -19.49 -2.62
C VAL A 160 -2.09 -20.82 -3.27
N GLN A 161 -2.47 -20.78 -4.55
CA GLN A 161 -2.78 -22.02 -5.25
C GLN A 161 -1.54 -22.91 -5.32
N MET A 162 -0.41 -22.33 -5.72
CA MET A 162 0.82 -23.10 -5.78
C MET A 162 1.14 -23.77 -4.44
N LEU A 163 1.13 -23.00 -3.36
CA LEU A 163 1.38 -23.56 -2.03
C LEU A 163 0.49 -24.74 -1.64
N LEU A 164 -0.81 -24.62 -1.89
CA LEU A 164 -1.75 -25.65 -1.51
C LEU A 164 -1.74 -26.83 -2.48
N ASN A 165 -1.73 -26.56 -3.80
CA ASN A 165 -1.79 -27.64 -4.79
C ASN A 165 -0.47 -28.36 -4.99
N ASP A 166 0.65 -27.64 -4.97
CA ASP A 166 1.94 -28.22 -5.34
C ASP A 166 2.85 -28.39 -4.14
N THR A 167 3.24 -27.26 -3.57
CA THR A 167 4.33 -27.16 -2.61
C THR A 167 4.11 -28.05 -1.38
N CYS A 168 2.98 -27.85 -0.73
CA CYS A 168 2.65 -28.50 0.51
C CYS A 168 2.72 -30.02 0.42
N PRO A 169 1.91 -30.65 -0.48
CA PRO A 169 2.05 -32.09 -0.58
C PRO A 169 3.50 -32.47 -0.85
N LEU A 170 4.09 -31.92 -1.91
CA LEU A 170 5.48 -32.21 -2.28
C LEU A 170 6.42 -32.10 -1.08
N PHE A 171 6.18 -31.09 -0.24
CA PHE A 171 6.97 -30.87 0.96
C PHE A 171 6.76 -31.99 1.94
N VAL A 172 5.50 -32.20 2.31
CA VAL A 172 5.13 -33.19 3.33
C VAL A 172 5.58 -34.61 3.00
N ARG A 173 5.47 -35.02 1.74
CA ARG A 173 5.86 -36.35 1.39
C ARG A 173 7.35 -36.53 1.71
N GLY A 174 8.12 -35.45 1.53
CA GLY A 174 9.51 -35.43 1.96
C GLY A 174 9.64 -35.65 3.46
N LEU A 175 8.86 -34.88 4.22
CA LEU A 175 8.87 -34.97 5.68
C LEU A 175 8.55 -36.38 6.18
N LEU A 176 7.52 -37.00 5.61
CA LEU A 176 7.11 -38.33 6.01
C LEU A 176 8.21 -39.37 5.81
N GLU A 177 9.10 -39.15 4.85
CA GLU A 177 10.19 -40.07 4.60
C GLU A 177 11.36 -39.71 5.51
N ALA A 178 11.58 -38.42 5.69
CA ALA A 178 12.69 -37.90 6.51
C ALA A 178 12.46 -38.15 7.98
N GLY A 179 11.20 -38.37 8.34
CA GLY A 179 10.80 -38.35 9.71
C GLY A 179 10.27 -39.63 10.28
N LYS A 180 10.18 -40.69 9.47
CA LYS A 180 9.77 -41.97 10.04
C LYS A 180 10.71 -42.26 11.22
N SER A 181 10.21 -42.97 12.22
CA SER A 181 11.04 -43.44 13.35
C SER A 181 11.18 -42.40 14.44
N ASP A 182 10.76 -41.20 14.15
CA ASP A 182 10.29 -40.34 15.21
C ASP A 182 8.79 -40.51 15.19
N LEU A 183 8.24 -40.46 13.98
CA LEU A 183 6.83 -40.74 13.73
C LEU A 183 6.44 -42.14 14.18
N GLU A 184 7.25 -43.14 13.83
CA GLU A 184 6.91 -44.51 14.15
C GLU A 184 7.46 -44.97 15.49
N LYS A 185 7.95 -44.03 16.31
CA LYS A 185 8.60 -44.39 17.57
C LYS A 185 7.60 -45.00 18.55
N GLN A 186 8.11 -45.89 19.39
CA GLN A 186 7.31 -46.47 20.46
C GLN A 186 7.88 -46.08 21.84
N GLU A 187 7.02 -45.53 22.69
CA GLU A 187 7.40 -45.27 24.07
C GLU A 187 6.43 -45.97 25.00
N LYS A 188 6.99 -46.77 25.90
CA LYS A 188 6.23 -47.56 26.86
C LYS A 188 5.57 -46.71 27.94
N PRO A 189 4.29 -46.98 28.23
CA PRO A 189 3.64 -46.33 29.36
C PRO A 189 4.12 -46.88 30.71
N VAL A 190 4.04 -46.01 31.72
CA VAL A 190 4.24 -46.40 33.10
C VAL A 190 2.95 -46.01 33.84
N ALA A 191 2.41 -46.94 34.59
CA ALA A 191 1.13 -46.73 35.25
C ALA A 191 1.24 -46.78 36.76
N TRP A 192 0.40 -46.01 37.43
CA TRP A 192 0.31 -46.07 38.89
C TRP A 192 -1.10 -45.77 39.37
N LEU A 193 -1.38 -46.16 40.61
CA LEU A 193 -2.73 -46.07 41.15
C LEU A 193 -2.83 -45.06 42.27
N SER A 194 -4.01 -44.42 42.37
CA SER A 194 -4.34 -43.52 43.49
C SER A 194 -5.85 -43.51 43.75
N SER A 195 -6.29 -42.79 44.78
CA SER A 195 -7.67 -42.80 45.25
C SER A 195 -8.07 -41.51 45.95
N VAL A 196 -9.26 -40.99 45.64
CA VAL A 196 -9.77 -39.72 46.22
C VAL A 196 -11.25 -39.83 46.64
N PRO A 197 -11.67 -39.08 47.69
CA PRO A 197 -13.11 -39.07 48.07
C PRO A 197 -14.00 -38.41 47.02
N SER A 198 -15.19 -38.99 46.81
CA SER A 198 -16.17 -38.48 45.87
C SER A 198 -17.07 -37.50 46.58
N SER A 199 -17.75 -36.66 45.80
CA SER A 199 -18.71 -35.69 46.34
C SER A 199 -19.94 -36.36 46.96
N ALA A 200 -20.11 -37.66 46.68
CA ALA A 200 -21.13 -38.49 47.33
C ALA A 200 -20.73 -38.83 48.77
N HIS A 201 -21.68 -38.75 49.70
CA HIS A 201 -21.40 -38.93 51.13
C HIS A 201 -21.24 -40.40 51.56
N GLY A 202 -20.32 -41.11 50.89
CA GLY A 202 -19.98 -42.51 51.23
C GLY A 202 -19.22 -43.27 50.14
N HIS A 203 -18.51 -42.54 49.29
CA HIS A 203 -17.89 -43.14 48.10
C HIS A 203 -16.42 -42.82 47.91
N ARG A 204 -15.78 -43.54 46.98
CA ARG A 204 -14.34 -43.46 46.74
C ARG A 204 -14.02 -43.48 45.24
N GLN A 205 -13.27 -42.50 44.75
CA GLN A 205 -12.90 -42.43 43.32
C GLN A 205 -11.49 -42.94 43.02
N LEU A 206 -11.41 -44.07 42.32
CA LEU A 206 -10.14 -44.71 41.98
C LEU A 206 -9.56 -44.20 40.65
N VAL A 207 -8.28 -43.85 40.67
CA VAL A 207 -7.62 -43.22 39.54
C VAL A 207 -6.43 -44.04 39.06
N CYS A 208 -6.44 -44.38 37.78
CA CYS A 208 -5.34 -45.09 37.15
C CYS A 208 -4.54 -44.17 36.19
N HIS A 209 -3.43 -43.65 36.67
CA HIS A 209 -2.59 -42.75 35.89
C HIS A 209 -1.73 -43.54 34.90
N VAL A 210 -1.67 -43.05 33.66
CA VAL A 210 -0.89 -43.67 32.60
C VAL A 210 -0.16 -42.58 31.84
N SER A 211 1.16 -42.67 31.86
CA SER A 211 2.00 -41.60 31.36
C SER A 211 3.23 -42.18 30.72
N GLY A 212 3.72 -41.47 29.69
CA GLY A 212 4.98 -41.81 29.04
C GLY A 212 4.83 -42.56 27.73
N PHE A 213 3.60 -42.86 27.31
CA PHE A 213 3.37 -43.67 26.10
C PHE A 213 3.33 -42.87 24.79
N TYR A 214 3.74 -43.53 23.70
CA TYR A 214 3.64 -42.99 22.33
C TYR A 214 3.63 -44.17 21.35
N PRO A 215 2.81 -44.11 20.28
CA PRO A 215 1.91 -43.02 19.84
C PRO A 215 0.66 -42.87 20.70
N LYS A 216 -0.29 -42.05 20.26
CA LYS A 216 -1.47 -41.76 21.08
C LYS A 216 -2.41 -42.95 21.41
N PRO A 217 -2.78 -43.80 20.41
CA PRO A 217 -3.76 -44.84 20.67
C PRO A 217 -3.48 -45.69 21.93
N VAL A 218 -4.46 -45.74 22.83
CA VAL A 218 -4.32 -46.46 24.10
C VAL A 218 -5.65 -46.95 24.70
N TRP A 219 -5.56 -48.06 25.43
CA TRP A 219 -6.69 -48.74 26.06
C TRP A 219 -6.40 -48.97 27.54
N VAL A 220 -7.29 -48.47 28.38
CA VAL A 220 -7.11 -48.49 29.81
C VAL A 220 -8.46 -48.87 30.37
N MET A 221 -8.50 -49.91 31.20
CA MET A 221 -9.76 -50.36 31.78
C MET A 221 -9.59 -50.99 33.17
N TRP A 222 -10.54 -50.69 34.06
CA TRP A 222 -10.54 -51.32 35.36
C TRP A 222 -11.16 -52.70 35.25
N MET A 223 -10.46 -53.69 35.80
CA MET A 223 -10.83 -55.07 35.70
C MET A 223 -11.01 -55.72 37.09
N ARG A 224 -11.95 -56.66 37.17
CA ARG A 224 -12.06 -57.56 38.30
C ARG A 224 -12.00 -58.97 37.72
N GLY A 225 -10.78 -59.48 37.56
CA GLY A 225 -10.56 -60.73 36.84
C GLY A 225 -10.75 -60.53 35.35
N ASP A 226 -11.62 -61.36 34.75
CA ASP A 226 -11.93 -61.24 33.33
C ASP A 226 -12.92 -60.09 33.04
N GLN A 227 -13.48 -59.50 34.08
CA GLN A 227 -14.58 -58.52 33.94
C GLN A 227 -14.16 -57.04 33.73
N GLU A 228 -14.57 -56.47 32.61
CA GLU A 228 -14.36 -55.05 32.32
C GLU A 228 -15.35 -54.20 33.10
N GLN A 229 -14.84 -53.32 33.97
CA GLN A 229 -15.73 -52.46 34.74
C GLN A 229 -16.31 -51.33 33.89
N GLN A 230 -17.60 -51.45 33.60
CA GLN A 230 -18.34 -50.53 32.71
C GLN A 230 -18.31 -49.05 33.10
N GLY A 231 -18.12 -48.77 34.39
CA GLY A 231 -18.12 -47.41 34.91
C GLY A 231 -16.80 -46.67 34.81
N THR A 232 -15.89 -47.17 33.97
CA THR A 232 -14.62 -46.52 33.72
C THR A 232 -14.85 -45.21 32.93
N HIS A 233 -14.50 -44.07 33.53
CA HIS A 233 -14.45 -42.81 32.78
C HIS A 233 -12.99 -42.50 32.48
N ARG A 234 -12.64 -42.51 31.20
CA ARG A 234 -11.30 -42.19 30.75
C ARG A 234 -11.17 -40.69 30.47
N GLY A 235 -10.13 -40.07 31.02
CA GLY A 235 -9.92 -38.64 30.91
C GLY A 235 -9.45 -38.19 29.53
N ASP A 236 -9.27 -36.88 29.36
CA ASP A 236 -8.73 -36.36 28.13
C ASP A 236 -7.26 -36.75 28.02
N PHE A 237 -6.76 -36.90 26.79
CA PHE A 237 -5.34 -37.14 26.58
C PHE A 237 -4.59 -35.85 26.88
N LEU A 238 -3.56 -35.95 27.71
CA LEU A 238 -2.79 -34.78 28.09
C LEU A 238 -1.33 -34.89 27.67
N PRO A 239 -0.74 -33.81 27.15
CA PRO A 239 0.61 -33.95 26.67
C PRO A 239 1.68 -33.95 27.78
N ASN A 240 2.82 -34.57 27.50
CA ASN A 240 4.01 -34.39 28.30
C ASN A 240 5.01 -33.52 27.53
N ALA A 241 5.95 -32.87 28.21
CA ALA A 241 6.99 -32.05 27.55
C ALA A 241 7.98 -32.82 26.66
N ASP A 242 8.17 -34.10 26.93
CA ASP A 242 9.10 -34.92 26.16
C ASP A 242 8.38 -35.66 25.03
N GLU A 243 7.24 -35.09 24.63
CA GLU A 243 6.47 -35.53 23.48
C GLU A 243 5.85 -36.92 23.66
N THR A 244 5.54 -37.27 24.90
CA THR A 244 4.72 -38.43 25.16
C THR A 244 3.40 -37.98 25.70
N TRP A 245 2.53 -38.96 25.96
CA TRP A 245 1.18 -38.67 26.37
C TRP A 245 0.85 -39.11 27.79
N TYR A 246 -0.20 -38.52 28.34
CA TYR A 246 -0.67 -38.81 29.67
C TYR A 246 -2.17 -38.98 29.55
N LEU A 247 -2.70 -39.87 30.37
CA LEU A 247 -4.13 -40.07 30.46
C LEU A 247 -4.43 -40.88 31.71
N GLN A 248 -5.57 -40.61 32.32
CA GLN A 248 -6.01 -41.38 33.46
C GLN A 248 -7.45 -41.82 33.28
N ALA A 249 -7.82 -42.88 33.99
CA ALA A 249 -9.18 -43.37 33.99
C ALA A 249 -9.65 -43.53 35.43
N THR A 250 -10.88 -43.09 35.67
CA THR A 250 -11.45 -43.06 37.01
C THR A 250 -12.63 -44.04 37.14
N LEU A 251 -12.80 -44.59 38.35
CA LEU A 251 -13.96 -45.44 38.65
C LEU A 251 -14.50 -45.16 40.03
N ASP A 252 -15.81 -44.95 40.11
CA ASP A 252 -16.48 -44.74 41.38
C ASP A 252 -16.73 -46.09 42.05
N VAL A 253 -16.39 -46.17 43.34
CA VAL A 253 -16.48 -47.44 44.08
C VAL A 253 -17.04 -47.27 45.49
N GLU A 254 -17.72 -48.31 45.96
CA GLU A 254 -18.11 -48.42 47.35
C GLU A 254 -16.88 -48.48 48.25
N ALA A 255 -16.95 -47.75 49.36
CA ALA A 255 -15.93 -47.83 50.41
C ALA A 255 -15.86 -49.27 50.94
N GLY A 256 -14.77 -49.97 50.64
CA GLY A 256 -14.61 -51.36 51.05
C GLY A 256 -14.89 -52.36 49.94
N GLU A 257 -14.95 -51.86 48.70
CA GLU A 257 -15.12 -52.72 47.54
C GLU A 257 -13.92 -52.59 46.60
N GLU A 258 -12.85 -51.99 47.11
CA GLU A 258 -11.57 -51.87 46.39
C GLU A 258 -10.92 -53.24 46.22
N ALA A 259 -11.45 -54.24 46.94
CA ALA A 259 -10.97 -55.61 46.94
C ALA A 259 -10.76 -56.20 45.54
N GLY A 260 -9.51 -56.52 45.25
CA GLY A 260 -9.13 -57.29 44.06
C GLY A 260 -9.41 -56.66 42.71
N LEU A 261 -9.32 -55.33 42.64
CA LEU A 261 -9.47 -54.65 41.37
C LEU A 261 -8.13 -54.40 40.74
N ALA A 262 -8.07 -54.45 39.41
CA ALA A 262 -6.85 -54.12 38.68
C ALA A 262 -7.09 -53.12 37.54
N CYS A 263 -6.16 -52.21 37.36
CA CYS A 263 -6.20 -51.35 36.20
C CYS A 263 -5.39 -52.03 35.10
N ARG A 264 -5.96 -52.13 33.90
CA ARG A 264 -5.31 -52.83 32.79
C ARG A 264 -4.98 -51.94 31.59
N VAL A 265 -3.71 -51.94 31.19
CA VAL A 265 -3.25 -51.05 30.10
C VAL A 265 -2.78 -51.83 28.89
N LYS A 266 -3.24 -51.38 27.72
CA LYS A 266 -2.90 -51.97 26.44
C LYS A 266 -2.28 -50.91 25.54
N HIS A 267 -1.15 -51.25 24.92
CA HIS A 267 -0.44 -50.29 24.05
C HIS A 267 0.50 -51.00 23.09
N SER A 268 0.60 -50.44 21.89
CA SER A 268 1.48 -50.95 20.86
C SER A 268 2.91 -51.19 21.37
N SER A 269 3.37 -50.36 22.29
CA SER A 269 4.75 -50.41 22.78
C SER A 269 5.09 -51.64 23.66
N LEU A 270 4.08 -52.25 24.26
CA LEU A 270 4.29 -53.35 25.23
C LEU A 270 4.50 -54.67 24.54
N GLY A 271 4.19 -54.70 23.25
CA GLY A 271 4.30 -55.90 22.45
C GLY A 271 3.30 -56.96 22.88
N GLY A 272 2.21 -56.51 23.50
CA GLY A 272 1.12 -57.43 23.86
C GLY A 272 1.31 -58.20 25.17
N GLN A 273 2.13 -57.65 26.06
CA GLN A 273 2.12 -58.06 27.44
C GLN A 273 1.57 -56.88 28.23
N ASP A 274 0.26 -56.91 28.47
CA ASP A 274 -0.45 -55.80 29.11
C ASP A 274 0.17 -55.40 30.46
N ILE A 275 -0.01 -54.14 30.85
CA ILE A 275 0.26 -53.79 32.23
C ILE A 275 -1.00 -54.02 33.05
N ILE A 276 -0.87 -54.87 34.07
CA ILE A 276 -1.91 -55.13 35.02
C ILE A 276 -1.37 -54.71 36.38
N LEU A 277 -2.04 -53.75 37.00
CA LEU A 277 -1.66 -53.31 38.33
C LEU A 277 -2.77 -53.63 39.32
N TYR A 278 -2.47 -54.49 40.29
CA TYR A 278 -3.46 -54.85 41.29
C TYR A 278 -3.44 -53.84 42.44
N TRP A 279 -4.62 -53.62 43.05
CA TRP A 279 -4.77 -52.67 44.15
C TRP A 279 -4.24 -53.23 45.49
N GLN B 2 -15.10 -14.82 24.05
CA GLN B 2 -14.26 -14.97 25.28
C GLN B 2 -14.64 -16.25 26.06
N LYS B 3 -13.64 -17.09 26.35
CA LYS B 3 -13.85 -18.41 26.96
C LYS B 3 -12.93 -18.69 28.19
N THR B 4 -13.51 -19.32 29.21
CA THR B 4 -12.82 -19.60 30.49
C THR B 4 -11.90 -20.84 30.50
N PRO B 5 -10.60 -20.66 30.83
CA PRO B 5 -9.58 -21.73 30.84
C PRO B 5 -9.91 -22.99 31.67
N GLN B 6 -9.45 -24.15 31.21
CA GLN B 6 -9.41 -25.38 31.99
C GLN B 6 -7.95 -25.60 32.37
N ILE B 7 -7.71 -26.01 33.61
CA ILE B 7 -6.35 -26.20 34.12
C ILE B 7 -6.18 -27.61 34.69
N GLN B 8 -5.19 -28.34 34.17
CA GLN B 8 -4.88 -29.65 34.71
C GLN B 8 -3.41 -29.75 35.09
N VAL B 9 -3.18 -30.28 36.30
CA VAL B 9 -1.84 -30.38 36.89
C VAL B 9 -1.53 -31.85 37.18
N TYR B 10 -0.33 -32.31 36.79
CA TYR B 10 -0.02 -33.73 36.85
C TYR B 10 1.47 -33.96 36.62
N SER B 11 2.00 -35.00 37.27
CA SER B 11 3.40 -35.36 37.19
C SER B 11 3.69 -36.23 35.98
N ARG B 12 4.93 -36.14 35.48
CA ARG B 12 5.39 -36.93 34.34
C ARG B 12 5.57 -38.39 34.71
N HIS B 13 6.06 -38.62 35.93
CA HIS B 13 6.34 -39.96 36.46
C HIS B 13 5.57 -40.15 37.76
N PRO B 14 5.41 -41.40 38.22
CA PRO B 14 4.83 -41.69 39.54
C PRO B 14 5.51 -40.89 40.67
N PRO B 15 4.72 -40.17 41.49
CA PRO B 15 5.29 -39.41 42.59
C PRO B 15 5.86 -40.30 43.69
N GLU B 16 7.03 -39.93 44.20
CA GLU B 16 7.59 -40.52 45.40
C GLU B 16 8.31 -39.43 46.17
N ASN B 17 8.03 -39.32 47.46
CA ASN B 17 8.70 -38.32 48.26
C ASN B 17 10.21 -38.48 48.16
N GLY B 18 10.88 -37.39 47.80
CA GLY B 18 12.33 -37.36 47.64
C GLY B 18 12.88 -37.65 46.25
N LYS B 19 12.01 -37.88 45.27
CA LYS B 19 12.48 -38.14 43.92
C LYS B 19 12.18 -36.99 42.93
N PRO B 20 13.23 -36.35 42.38
CA PRO B 20 13.07 -35.44 41.27
C PRO B 20 12.09 -36.03 40.27
N ASN B 21 11.19 -35.20 39.77
CA ASN B 21 10.14 -35.58 38.83
C ASN B 21 9.84 -34.30 38.03
N ILE B 22 8.96 -34.36 37.04
CA ILE B 22 8.51 -33.16 36.33
C ILE B 22 7.01 -32.93 36.55
N LEU B 23 6.65 -31.70 36.91
CA LEU B 23 5.26 -31.33 37.15
C LEU B 23 4.72 -30.53 35.98
N ASN B 24 3.65 -31.02 35.38
CA ASN B 24 3.03 -30.36 34.23
C ASN B 24 1.80 -29.55 34.60
N CYS B 25 1.66 -28.40 33.94
CA CYS B 25 0.44 -27.61 34.00
C CYS B 25 -0.07 -27.32 32.58
N TYR B 26 -1.13 -28.03 32.20
CA TYR B 26 -1.73 -27.95 30.88
C TYR B 26 -2.92 -27.03 30.93
N VAL B 27 -2.87 -25.96 30.17
CA VAL B 27 -3.93 -24.97 30.18
C VAL B 27 -4.61 -24.89 28.81
N THR B 28 -5.89 -25.23 28.78
CA THR B 28 -6.60 -25.35 27.52
C THR B 28 -7.85 -24.50 27.48
N GLN B 29 -8.39 -24.36 26.28
CA GLN B 29 -9.79 -23.99 26.06
C GLN B 29 -10.11 -22.50 26.32
N PHE B 30 -9.12 -21.62 26.16
CA PHE B 30 -9.26 -20.20 26.46
C PHE B 30 -9.14 -19.26 25.23
N HIS B 31 -9.82 -18.11 25.28
CA HIS B 31 -9.71 -17.05 24.27
C HIS B 31 -10.02 -15.72 24.93
N PRO B 32 -9.29 -14.63 24.59
CA PRO B 32 -8.18 -14.44 23.65
C PRO B 32 -6.94 -15.22 24.06
N PRO B 33 -5.93 -15.34 23.17
CA PRO B 33 -4.76 -16.14 23.53
C PRO B 33 -3.83 -15.49 24.55
N HIS B 34 -4.00 -14.20 24.81
CA HIS B 34 -3.19 -13.56 25.85
C HIS B 34 -3.58 -14.06 27.25
N ILE B 35 -2.58 -14.62 27.92
CA ILE B 35 -2.75 -15.33 29.18
C ILE B 35 -1.49 -15.24 30.06
N GLU B 36 -1.66 -15.27 31.38
CA GLU B 36 -0.50 -15.34 32.26
C GLU B 36 -0.53 -16.57 33.16
N ILE B 37 0.51 -17.39 33.06
CA ILE B 37 0.65 -18.61 33.86
C ILE B 37 1.91 -18.60 34.73
N GLN B 38 1.75 -18.99 35.99
CA GLN B 38 2.90 -19.18 36.85
C GLN B 38 2.74 -20.46 37.63
N MET B 39 3.85 -21.12 37.93
CA MET B 39 3.81 -22.34 38.73
C MET B 39 4.41 -22.07 40.11
N LEU B 40 3.73 -22.55 41.15
CA LEU B 40 4.01 -22.12 42.51
C LEU B 40 4.53 -23.22 43.41
N LYS B 41 5.61 -22.93 44.13
CA LYS B 41 6.08 -23.79 45.19
C LYS B 41 5.83 -23.11 46.53
N ASN B 42 4.82 -23.61 47.24
CA ASN B 42 4.34 -23.04 48.49
C ASN B 42 3.83 -21.61 48.28
N GLY B 43 3.13 -21.41 47.16
CA GLY B 43 2.57 -20.11 46.82
C GLY B 43 3.59 -19.05 46.41
N LYS B 44 4.78 -19.49 45.99
CA LYS B 44 5.85 -18.60 45.50
C LYS B 44 6.28 -18.97 44.08
N LYS B 45 6.46 -17.97 43.21
CA LYS B 45 6.88 -18.22 41.81
C LYS B 45 8.15 -19.07 41.74
N ILE B 46 8.10 -20.13 40.93
CA ILE B 46 9.29 -20.95 40.62
C ILE B 46 10.06 -20.32 39.45
N PRO B 47 11.42 -20.29 39.53
CA PRO B 47 12.16 -19.66 38.44
C PRO B 47 12.28 -20.56 37.21
N LYS B 48 12.71 -21.81 37.40
CA LYS B 48 12.95 -22.73 36.27
C LYS B 48 11.63 -23.36 35.78
N VAL B 49 10.73 -22.50 35.28
CA VAL B 49 9.48 -22.95 34.62
C VAL B 49 9.60 -22.76 33.09
N GLU B 50 9.26 -23.81 32.34
CA GLU B 50 9.36 -23.76 30.88
C GLU B 50 8.01 -23.87 30.21
N MET B 51 7.83 -23.09 29.16
CA MET B 51 6.59 -23.07 28.39
C MET B 51 6.75 -23.68 27.00
N SER B 52 5.82 -24.54 26.62
CA SER B 52 5.71 -24.91 25.22
C SER B 52 5.17 -23.70 24.43
N ASP B 53 5.34 -23.71 23.11
CA ASP B 53 4.69 -22.70 22.28
C ASP B 53 3.19 -22.80 22.40
N MET B 54 2.51 -21.67 22.36
CA MET B 54 1.06 -21.72 22.31
C MET B 54 0.61 -22.27 20.97
N SER B 55 -0.50 -22.98 20.99
CA SER B 55 -1.10 -23.58 19.81
C SER B 55 -2.64 -23.58 19.99
N PHE B 56 -3.37 -24.09 19.00
CA PHE B 56 -4.82 -24.26 19.15
C PHE B 56 -5.33 -25.57 18.56
N SER B 57 -6.53 -25.98 18.97
CA SER B 57 -7.16 -27.24 18.47
C SER B 57 -8.06 -26.99 17.26
N LYS B 58 -8.62 -28.07 16.69
CA LYS B 58 -9.52 -27.97 15.54
C LYS B 58 -10.68 -27.01 15.75
N ASP B 59 -11.07 -26.83 17.02
CA ASP B 59 -12.19 -25.99 17.39
C ASP B 59 -11.73 -24.58 17.77
N TRP B 60 -10.48 -24.27 17.41
CA TRP B 60 -9.92 -22.92 17.45
C TRP B 60 -9.57 -22.42 18.83
N SER B 61 -9.55 -23.33 19.80
CA SER B 61 -9.25 -22.91 21.15
C SER B 61 -7.78 -23.19 21.48
N PHE B 62 -7.21 -22.28 22.27
CA PHE B 62 -5.79 -22.29 22.58
C PHE B 62 -5.42 -23.20 23.71
N TYR B 63 -4.17 -23.64 23.69
CA TYR B 63 -3.59 -24.40 24.77
C TYR B 63 -2.09 -24.19 24.83
N ILE B 64 -1.53 -24.40 26.03
CA ILE B 64 -0.11 -24.25 26.25
C ILE B 64 0.25 -25.16 27.41
N LEU B 65 1.45 -25.75 27.36
CA LEU B 65 1.93 -26.64 28.43
C LEU B 65 3.11 -26.04 29.21
N ALA B 66 2.87 -25.70 30.47
CA ALA B 66 3.96 -25.30 31.33
C ALA B 66 4.42 -26.53 32.08
N HIS B 67 5.73 -26.61 32.32
CA HIS B 67 6.32 -27.68 33.12
C HIS B 67 7.58 -27.23 33.84
N THR B 68 7.82 -27.80 35.01
CA THR B 68 9.00 -27.53 35.78
C THR B 68 9.53 -28.77 36.50
N GLU B 69 10.84 -28.76 36.77
CA GLU B 69 11.45 -29.80 37.57
C GLU B 69 10.98 -29.62 39.01
N PHE B 70 10.68 -30.73 39.67
CA PHE B 70 10.24 -30.69 41.07
C PHE B 70 10.49 -31.99 41.79
N THR B 71 10.68 -31.88 43.11
CA THR B 71 10.69 -33.05 43.96
C THR B 71 9.65 -32.96 45.10
N PRO B 72 8.65 -33.88 45.11
CA PRO B 72 7.55 -33.80 46.07
C PRO B 72 7.93 -34.31 47.47
N THR B 73 7.27 -33.76 48.49
CA THR B 73 7.50 -34.10 49.89
C THR B 73 6.17 -34.13 50.62
N GLU B 74 6.21 -34.40 51.92
CA GLU B 74 5.02 -34.33 52.78
C GLU B 74 4.46 -32.91 52.85
N THR B 75 5.24 -31.98 53.40
CA THR B 75 4.77 -30.63 53.74
C THR B 75 4.60 -29.64 52.59
N ASP B 76 5.19 -29.95 51.43
CA ASP B 76 5.23 -29.00 50.29
C ASP B 76 3.97 -28.95 49.43
N THR B 77 3.69 -27.78 48.88
CA THR B 77 2.52 -27.61 48.04
C THR B 77 2.82 -26.93 46.71
N TYR B 78 2.23 -27.49 45.67
CA TYR B 78 2.47 -27.07 44.30
C TYR B 78 1.15 -26.75 43.62
N ALA B 79 1.14 -25.68 42.83
CA ALA B 79 -0.07 -25.22 42.17
C ALA B 79 0.25 -24.47 40.88
N CYS B 80 -0.80 -24.22 40.10
CA CYS B 80 -0.71 -23.48 38.86
C CYS B 80 -1.71 -22.35 38.98
N ARG B 81 -1.20 -21.12 39.00
CA ARG B 81 -2.02 -19.91 39.06
C ARG B 81 -2.07 -19.29 37.66
N VAL B 82 -3.27 -18.85 37.26
CA VAL B 82 -3.57 -18.43 35.90
C VAL B 82 -4.40 -17.14 35.87
N LYS B 83 -3.90 -16.13 35.16
CA LYS B 83 -4.62 -14.86 34.98
C LYS B 83 -5.06 -14.74 33.51
N HIS B 84 -6.28 -14.25 33.30
CA HIS B 84 -6.87 -14.22 31.98
C HIS B 84 -8.03 -13.23 31.98
N ALA B 85 -8.28 -12.60 30.84
CA ALA B 85 -9.36 -11.62 30.73
C ALA B 85 -10.74 -12.18 31.09
N SER B 86 -10.96 -13.48 30.87
CA SER B 86 -12.26 -14.11 31.15
C SER B 86 -12.55 -14.25 32.65
N MET B 87 -11.48 -14.32 33.43
CA MET B 87 -11.57 -14.48 34.89
C MET B 87 -11.89 -13.17 35.56
N ALA B 88 -12.77 -13.21 36.55
CA ALA B 88 -12.92 -12.07 37.43
C ALA B 88 -11.68 -11.99 38.33
N GLU B 89 -11.12 -13.17 38.65
CA GLU B 89 -9.95 -13.30 39.51
C GLU B 89 -9.07 -14.46 39.07
N PRO B 90 -7.76 -14.41 39.38
CA PRO B 90 -6.90 -15.54 39.02
C PRO B 90 -7.41 -16.85 39.62
N LYS B 91 -7.23 -17.93 38.87
CA LYS B 91 -7.65 -19.28 39.27
C LYS B 91 -6.40 -20.02 39.69
N THR B 92 -6.44 -20.68 40.84
CA THR B 92 -5.32 -21.47 41.32
C THR B 92 -5.78 -22.91 41.52
N VAL B 93 -5.12 -23.86 40.86
CA VAL B 93 -5.40 -25.27 41.12
C VAL B 93 -4.16 -25.97 41.66
N TYR B 94 -4.33 -26.64 42.80
CA TYR B 94 -3.22 -27.32 43.47
C TYR B 94 -2.97 -28.74 42.94
N TRP B 95 -1.70 -29.10 42.79
CA TRP B 95 -1.35 -30.47 42.50
C TRP B 95 -1.69 -31.34 43.69
N ASP B 96 -2.09 -32.53 43.37
CA ASP B 96 -2.45 -33.49 44.36
C ASP B 96 -2.14 -34.81 43.70
N ARG B 97 -1.28 -35.60 44.35
CA ARG B 97 -0.99 -36.97 43.90
C ARG B 97 -2.34 -37.67 43.71
N ASP B 98 -2.99 -37.96 44.84
CA ASP B 98 -4.40 -38.37 44.98
C ASP B 98 -4.57 -39.40 46.10
N THR C 3 13.45 8.07 -2.45
CA THR C 3 12.91 7.27 -1.31
C THR C 3 13.22 5.75 -1.52
N GLN C 4 12.24 5.00 -2.02
CA GLN C 4 12.43 3.59 -2.36
C GLN C 4 12.37 3.35 -3.86
N VAL C 5 12.18 4.41 -4.62
CA VAL C 5 12.11 4.35 -6.06
C VAL C 5 13.06 5.43 -6.59
N GLU C 6 14.12 5.03 -7.26
CA GLU C 6 15.05 5.99 -7.87
C GLU C 6 14.86 6.03 -9.38
N GLN C 7 14.76 7.22 -9.95
CA GLN C 7 14.78 7.34 -11.41
C GLN C 7 16.03 7.99 -11.96
N SER C 8 16.34 7.68 -13.21
CA SER C 8 17.52 8.19 -13.89
C SER C 8 17.26 8.15 -15.40
N PRO C 9 17.75 9.17 -16.15
CA PRO C 9 18.47 10.34 -15.61
C PRO C 9 17.51 11.29 -14.95
N GLN C 10 18.05 12.33 -14.36
CA GLN C 10 17.21 13.30 -13.72
C GLN C 10 16.56 14.14 -14.81
N SER C 11 17.32 14.46 -15.85
CA SER C 11 16.74 15.13 -17.02
C SER C 11 17.60 14.86 -18.26
N LEU C 12 17.03 14.99 -19.45
CA LEU C 12 17.81 14.82 -20.68
C LEU C 12 17.23 15.62 -21.84
N VAL C 13 18.05 15.93 -22.84
CA VAL C 13 17.60 16.71 -23.98
C VAL C 13 17.88 15.89 -25.21
N VAL C 14 16.83 15.61 -25.99
CA VAL C 14 17.03 14.90 -27.25
C VAL C 14 16.46 15.65 -28.43
N ARG C 15 16.96 15.34 -29.62
CA ARG C 15 16.43 15.89 -30.86
C ARG C 15 15.28 15.03 -31.36
N GLN C 16 14.27 15.71 -31.90
CA GLN C 16 13.15 15.06 -32.52
C GLN C 16 13.59 13.89 -33.38
N GLY C 17 12.97 12.74 -33.20
CA GLY C 17 13.22 11.56 -34.04
C GLY C 17 14.21 10.58 -33.46
N GLU C 18 14.90 10.98 -32.40
CA GLU C 18 15.89 10.12 -31.81
C GLU C 18 15.23 9.24 -30.79
N ASN C 19 15.87 8.13 -30.50
CA ASN C 19 15.41 7.22 -29.46
C ASN C 19 15.92 7.63 -28.10
N CYS C 20 15.21 7.24 -27.05
CA CYS C 20 15.76 7.34 -25.71
C CYS C 20 15.21 6.29 -24.76
N VAL C 21 15.92 6.13 -23.65
CA VAL C 21 15.61 5.05 -22.75
C VAL C 21 15.63 5.64 -21.32
N LEU C 22 14.65 5.27 -20.49
CA LEU C 22 14.56 5.80 -19.13
C LEU C 22 14.60 4.69 -18.09
N GLN C 23 15.42 4.84 -17.07
CA GLN C 23 15.66 3.79 -16.08
C GLN C 23 14.83 4.06 -14.81
N CYS C 24 14.52 2.99 -14.10
CA CYS C 24 13.88 3.06 -12.80
C CYS C 24 14.36 1.94 -11.90
N ASN C 25 14.74 2.29 -10.68
CA ASN C 25 15.31 1.34 -9.77
C ASN C 25 14.70 1.54 -8.40
N TYR C 26 14.32 0.44 -7.76
CA TYR C 26 13.52 0.54 -6.57
C TYR C 26 13.90 -0.49 -5.51
N SER C 27 13.45 -0.27 -4.29
CA SER C 27 13.70 -1.21 -3.21
C SER C 27 12.40 -1.50 -2.44
N VAL C 28 11.27 -1.18 -3.05
CA VAL C 28 9.95 -1.46 -2.50
C VAL C 28 9.69 -2.96 -2.34
N THR C 29 9.22 -3.37 -1.17
CA THR C 29 8.86 -4.76 -0.91
C THR C 29 7.49 -4.81 -0.23
N PRO C 30 6.53 -5.57 -0.80
CA PRO C 30 6.63 -6.33 -2.04
C PRO C 30 6.34 -5.43 -3.22
N ASP C 31 6.66 -5.93 -4.40
CA ASP C 31 6.55 -5.14 -5.61
C ASP C 31 5.54 -5.82 -6.52
N ASN C 32 4.25 -5.53 -6.30
CA ASN C 32 3.22 -6.21 -7.08
C ASN C 32 3.27 -5.79 -8.54
N HIS C 33 3.36 -4.47 -8.76
CA HIS C 33 3.40 -3.92 -10.10
C HIS C 33 4.15 -2.57 -10.18
N LEU C 34 4.50 -2.19 -11.40
CA LEU C 34 5.17 -0.93 -11.64
C LEU C 34 4.50 -0.26 -12.81
N ARG C 35 4.19 1.02 -12.64
CA ARG C 35 3.47 1.76 -13.65
C ARG C 35 4.25 2.99 -14.08
N TRP C 36 4.19 3.33 -15.36
CA TRP C 36 4.84 4.50 -15.90
C TRP C 36 3.81 5.51 -16.33
N PHE C 37 4.05 6.76 -15.94
CA PHE C 37 3.11 7.86 -16.14
C PHE C 37 3.78 8.96 -16.94
N LYS C 38 3.03 9.58 -17.86
CA LYS C 38 3.45 10.82 -18.54
C LYS C 38 2.68 12.00 -17.96
N GLN C 39 3.41 13.03 -17.51
CA GLN C 39 2.81 14.29 -17.09
C GLN C 39 3.38 15.47 -17.87
N ASP C 40 2.53 16.14 -18.64
CA ASP C 40 2.91 17.36 -19.37
C ASP C 40 3.04 18.49 -18.37
N THR C 41 3.79 19.52 -18.73
CA THR C 41 3.98 20.65 -17.81
C THR C 41 2.61 21.26 -17.57
N GLY C 42 2.25 21.44 -16.29
CA GLY C 42 0.93 21.93 -15.96
C GLY C 42 -0.04 20.81 -15.69
N LYS C 43 -0.19 19.92 -16.65
CA LYS C 43 -1.21 18.87 -16.61
C LYS C 43 -1.08 17.81 -15.50
N GLY C 44 -1.91 16.77 -15.64
CA GLY C 44 -2.03 15.69 -14.67
C GLY C 44 -1.36 14.41 -15.12
N LEU C 45 -1.69 13.28 -14.48
CA LEU C 45 -0.98 12.03 -14.74
C LEU C 45 -1.67 11.10 -15.74
N VAL C 46 -1.04 10.88 -16.88
CA VAL C 46 -1.60 9.96 -17.86
C VAL C 46 -0.84 8.63 -17.85
N SER C 47 -1.54 7.53 -17.58
CA SER C 47 -0.92 6.21 -17.47
C SER C 47 -0.45 5.72 -18.82
N LEU C 48 0.79 5.27 -18.86
CA LEU C 48 1.39 4.83 -20.10
C LEU C 48 1.32 3.32 -20.24
N THR C 49 1.52 2.61 -19.12
CA THR C 49 1.59 1.16 -19.13
C THR C 49 1.90 0.60 -17.77
N VAL C 50 1.41 -0.60 -17.50
CA VAL C 50 1.66 -1.22 -16.24
C VAL C 50 2.25 -2.62 -16.43
N LEU C 51 3.27 -2.91 -15.63
CA LEU C 51 4.01 -4.16 -15.70
C LEU C 51 3.80 -4.95 -14.42
N VAL C 52 3.54 -6.24 -14.55
CA VAL C 52 3.07 -7.06 -13.44
C VAL C 52 3.89 -8.32 -13.18
N ASP C 53 4.43 -8.91 -14.24
CA ASP C 53 5.11 -10.21 -14.14
C ASP C 53 6.55 -10.13 -13.66
N GLN C 54 7.09 -11.28 -13.26
CA GLN C 54 8.49 -11.39 -12.79
C GLN C 54 9.53 -10.84 -13.81
N LYS C 55 9.36 -11.18 -15.08
CA LYS C 55 10.14 -10.57 -16.16
C LYS C 55 9.14 -10.15 -17.22
N ASP C 56 8.58 -8.95 -17.07
CA ASP C 56 7.50 -8.52 -17.95
C ASP C 56 8.09 -7.62 -19.03
N LYS C 57 7.38 -7.56 -20.15
CA LYS C 57 7.67 -6.61 -21.20
C LYS C 57 6.34 -6.09 -21.75
N THR C 58 6.26 -4.78 -21.94
CA THR C 58 5.03 -4.15 -22.44
C THR C 58 5.34 -3.16 -23.55
N SER C 59 4.39 -3.05 -24.49
CA SER C 59 4.41 -2.11 -25.60
C SER C 59 3.16 -1.22 -25.60
N ASN C 60 3.27 -0.01 -26.16
CA ASN C 60 2.13 0.90 -26.36
C ASN C 60 2.50 2.03 -27.32
N GLY C 61 2.25 1.83 -28.61
CA GLY C 61 2.62 2.81 -29.63
C GLY C 61 4.13 2.86 -29.70
N ARG C 62 4.68 4.07 -29.59
CA ARG C 62 6.12 4.25 -29.64
C ARG C 62 6.82 4.01 -28.27
N TYR C 63 6.05 3.69 -27.23
CA TYR C 63 6.57 3.37 -25.90
C TYR C 63 6.61 1.88 -25.66
N SER C 64 7.74 1.40 -25.17
CA SER C 64 7.84 0.01 -24.75
C SER C 64 8.59 -0.03 -23.43
N ALA C 65 8.39 -1.08 -22.65
CA ALA C 65 8.95 -1.16 -21.30
C ALA C 65 9.30 -2.61 -20.88
N THR C 66 10.22 -2.74 -19.94
CA THR C 66 10.62 -4.03 -19.41
C THR C 66 10.55 -3.95 -17.89
N LEU C 67 10.33 -5.10 -17.24
CA LEU C 67 10.43 -5.19 -15.78
C LEU C 67 11.22 -6.41 -15.42
N ASP C 68 12.21 -6.23 -14.56
CA ASP C 68 12.90 -7.35 -13.94
C ASP C 68 12.75 -7.23 -12.45
N LYS C 69 11.86 -8.04 -11.89
CA LYS C 69 11.59 -7.98 -10.45
C LYS C 69 12.73 -8.45 -9.57
N ASP C 70 13.61 -9.28 -10.11
CA ASP C 70 14.76 -9.76 -9.34
C ASP C 70 15.70 -8.62 -9.15
N ALA C 71 16.02 -7.97 -10.26
CA ALA C 71 16.86 -6.80 -10.28
C ALA C 71 16.12 -5.60 -9.76
N LYS C 72 14.80 -5.72 -9.60
CA LYS C 72 13.99 -4.58 -9.16
C LYS C 72 14.28 -3.35 -10.03
N HIS C 73 14.21 -3.58 -11.35
CA HIS C 73 14.67 -2.65 -12.38
C HIS C 73 13.68 -2.58 -13.54
N SER C 74 13.29 -1.36 -13.91
CA SER C 74 12.50 -1.17 -15.11
C SER C 74 13.08 -0.13 -16.04
N THR C 75 12.81 -0.29 -17.34
CA THR C 75 13.16 0.70 -18.33
C THR C 75 11.93 1.04 -19.17
N LEU C 76 11.94 2.27 -19.68
CA LEU C 76 10.96 2.76 -20.63
C LEU C 76 11.66 3.25 -21.90
N HIS C 77 11.42 2.57 -23.01
CA HIS C 77 11.97 2.99 -24.30
C HIS C 77 10.94 3.85 -25.06
N ILE C 78 11.41 4.94 -25.66
CA ILE C 78 10.60 5.67 -26.64
C ILE C 78 11.33 5.63 -27.96
N THR C 79 10.67 5.08 -28.97
CA THR C 79 11.16 5.09 -30.34
C THR C 79 10.79 6.43 -30.96
N ALA C 80 11.69 7.00 -31.76
CA ALA C 80 11.36 8.12 -32.64
C ALA C 80 10.58 9.22 -31.90
N THR C 81 11.23 9.89 -30.98
CA THR C 81 10.57 10.93 -30.20
C THR C 81 9.90 12.00 -31.06
N LEU C 82 8.74 12.44 -30.60
CA LEU C 82 8.10 13.63 -31.14
C LEU C 82 8.14 14.75 -30.11
N LEU C 83 8.01 15.96 -30.60
CA LEU C 83 7.89 17.14 -29.78
C LEU C 83 6.96 16.98 -28.56
N ASP C 84 5.76 16.40 -28.73
CA ASP C 84 4.81 16.18 -27.62
C ASP C 84 5.27 15.18 -26.56
N ASP C 85 6.43 14.57 -26.75
CA ASP C 85 6.99 13.71 -25.73
C ASP C 85 7.64 14.53 -24.65
N THR C 86 7.86 15.83 -24.92
CA THR C 86 8.33 16.77 -23.91
C THR C 86 7.45 16.73 -22.67
N ALA C 87 7.93 16.08 -21.63
CA ALA C 87 7.15 15.81 -20.41
C ALA C 87 8.08 15.35 -19.31
N THR C 88 7.48 15.00 -18.19
CA THR C 88 8.17 14.39 -17.07
C THR C 88 7.63 12.97 -16.99
N TYR C 89 8.51 11.98 -16.86
CA TYR C 89 8.03 10.60 -16.85
C TYR C 89 8.23 10.03 -15.47
N ILE C 90 7.18 9.43 -14.93
CA ILE C 90 7.15 9.00 -13.54
C ILE C 90 7.01 7.50 -13.33
N CYS C 91 7.94 6.96 -12.56
CA CYS C 91 7.95 5.55 -12.21
C CYS C 91 7.14 5.35 -10.92
N VAL C 92 6.14 4.49 -10.97
CA VAL C 92 5.38 4.21 -9.76
C VAL C 92 5.32 2.73 -9.45
N VAL C 93 5.72 2.35 -8.25
CA VAL C 93 5.62 0.98 -7.79
C VAL C 93 4.53 0.80 -6.75
N GLY C 94 3.64 -0.17 -7.02
CA GLY C 94 2.58 -0.51 -6.10
C GLY C 94 2.93 -1.80 -5.39
N ASP C 95 2.61 -1.84 -4.11
CA ASP C 95 3.06 -2.95 -3.28
C ASP C 95 1.99 -3.97 -2.93
N ARG C 96 0.78 -3.79 -3.46
CA ARG C 96 -0.24 -4.85 -3.40
C ARG C 96 -0.92 -4.97 -4.75
N GLY C 97 -1.53 -6.15 -5.01
CA GLY C 97 -2.40 -6.36 -6.17
C GLY C 97 -3.84 -5.93 -5.92
N SER C 98 -4.07 -5.13 -4.89
CA SER C 98 -5.40 -4.65 -4.54
C SER C 98 -5.36 -3.22 -3.94
N ALA C 99 -6.52 -2.72 -3.55
CA ALA C 99 -6.64 -1.40 -2.96
C ALA C 99 -6.00 -1.29 -1.55
N LEU C 100 -5.65 -2.44 -0.95
CA LEU C 100 -4.93 -2.45 0.31
C LEU C 100 -3.51 -1.92 0.15
N GLY C 101 -3.12 -1.64 -1.10
CA GLY C 101 -1.78 -1.25 -1.44
C GLY C 101 -1.55 0.25 -1.41
N ARG C 102 -0.26 0.60 -1.30
CA ARG C 102 0.20 1.99 -1.33
C ARG C 102 1.02 2.17 -2.60
N LEU C 103 0.96 3.37 -3.17
CA LEU C 103 1.77 3.65 -4.37
C LEU C 103 3.09 4.31 -4.00
N HIS C 104 4.19 3.84 -4.57
CA HIS C 104 5.48 4.42 -4.29
C HIS C 104 5.98 5.19 -5.53
N PHE C 105 6.05 6.51 -5.39
CA PHE C 105 6.36 7.43 -6.47
C PHE C 105 7.82 7.82 -6.56
N GLY C 106 8.34 7.72 -7.78
CA GLY C 106 9.62 8.27 -8.16
C GLY C 106 9.42 9.75 -8.37
N ALA C 107 10.54 10.48 -8.34
CA ALA C 107 10.50 11.92 -8.49
C ALA C 107 10.45 12.32 -9.98
N GLY C 108 10.40 11.32 -10.87
CA GLY C 108 10.29 11.56 -12.32
C GLY C 108 11.57 11.86 -13.05
N THR C 109 11.48 11.82 -14.37
CA THR C 109 12.58 12.16 -15.29
C THR C 109 12.02 13.21 -16.25
N GLN C 110 12.65 14.38 -16.30
CA GLN C 110 12.25 15.43 -17.23
C GLN C 110 12.89 15.23 -18.61
N LEU C 111 12.06 15.25 -19.65
CA LEU C 111 12.54 15.09 -20.99
C LEU C 111 12.11 16.27 -21.85
N ILE C 112 13.10 16.88 -22.51
CA ILE C 112 12.87 17.96 -23.45
C ILE C 112 13.19 17.48 -24.85
N VAL C 113 12.28 17.71 -25.80
CA VAL C 113 12.57 17.31 -27.17
C VAL C 113 12.78 18.53 -28.06
N ILE C 114 13.94 18.56 -28.72
CA ILE C 114 14.30 19.65 -29.63
C ILE C 114 13.66 19.40 -31.01
N PRO C 115 12.87 20.37 -31.47
CA PRO C 115 12.09 20.17 -32.69
C PRO C 115 12.93 20.33 -33.95
N ASP C 116 12.67 19.51 -34.97
CA ASP C 116 13.40 19.65 -36.20
C ASP C 116 12.77 20.72 -37.08
N ILE C 117 13.58 21.71 -37.44
CA ILE C 117 13.08 22.79 -38.29
C ILE C 117 13.55 22.55 -39.70
N GLN C 118 12.58 22.32 -40.56
CA GLN C 118 12.88 21.93 -41.93
C GLN C 118 13.30 23.14 -42.75
N ASN C 119 12.46 24.18 -42.75
CA ASN C 119 12.72 25.34 -43.57
C ASN C 119 12.81 26.64 -42.80
N PRO C 120 14.02 26.93 -42.27
CA PRO C 120 14.31 28.20 -41.57
C PRO C 120 14.07 29.40 -42.49
N ASP C 121 13.27 30.34 -42.04
CA ASP C 121 13.06 31.59 -42.76
C ASP C 121 13.12 32.75 -41.76
N PRO C 122 14.27 32.89 -41.08
CA PRO C 122 14.38 33.84 -39.99
C PRO C 122 14.06 35.28 -40.40
N ALA C 123 13.22 35.92 -39.59
CA ALA C 123 12.70 37.26 -39.84
C ALA C 123 12.23 37.93 -38.56
N VAL C 124 12.33 39.26 -38.51
CA VAL C 124 11.77 40.06 -37.40
C VAL C 124 10.61 40.92 -37.92
N TYR C 125 9.41 40.70 -37.39
CA TYR C 125 8.22 41.48 -37.82
C TYR C 125 7.68 42.43 -36.74
N GLN C 126 7.10 43.56 -37.15
CA GLN C 126 6.41 44.44 -36.20
C GLN C 126 4.90 44.21 -36.25
N LEU C 127 4.27 43.96 -35.11
CA LEU C 127 2.81 43.81 -35.04
C LEU C 127 2.20 44.90 -34.20
N ARG C 128 1.13 45.51 -34.68
CA ARG C 128 0.47 46.60 -33.96
C ARG C 128 -0.74 46.12 -33.12
N ASP C 129 -0.97 46.78 -31.97
CA ASP C 129 -2.11 46.51 -31.10
C ASP C 129 -3.46 46.89 -31.72
N SER C 130 -4.42 46.00 -31.60
CA SER C 130 -5.70 46.14 -32.27
C SER C 130 -6.52 47.30 -31.72
N LYS C 131 -6.37 47.57 -30.42
CA LYS C 131 -7.02 48.73 -29.81
C LYS C 131 -6.22 50.02 -30.02
N SER C 132 -4.96 50.06 -29.59
CA SER C 132 -4.13 51.25 -29.80
C SER C 132 -3.00 51.01 -30.78
N SER C 133 -3.18 51.46 -32.03
CA SER C 133 -2.32 51.05 -33.14
C SER C 133 -0.91 51.68 -33.18
N ASP C 134 -0.59 52.47 -32.16
CA ASP C 134 0.78 52.99 -31.97
C ASP C 134 1.57 52.25 -30.88
N LYS C 135 0.95 51.24 -30.28
CA LYS C 135 1.66 50.34 -29.38
C LYS C 135 1.91 49.02 -30.10
N SER C 136 3.13 48.51 -30.03
CA SER C 136 3.52 47.32 -30.81
C SER C 136 4.47 46.35 -30.10
N VAL C 137 4.58 45.15 -30.66
CA VAL C 137 5.53 44.12 -30.24
C VAL C 137 6.42 43.77 -31.41
N CYS C 138 7.59 43.18 -31.11
CA CYS C 138 8.42 42.60 -32.17
C CYS C 138 8.44 41.07 -32.07
N LEU C 139 8.40 40.45 -33.23
CA LEU C 139 8.34 39.02 -33.32
C LEU C 139 9.51 38.49 -34.11
N PHE C 140 10.39 37.76 -33.44
CA PHE C 140 11.47 37.08 -34.11
C PHE C 140 10.96 35.68 -34.37
N THR C 141 10.87 35.28 -35.64
CA THR C 141 10.24 34.01 -35.97
C THR C 141 10.92 33.21 -37.10
N ASP C 142 10.57 31.91 -37.17
CA ASP C 142 10.98 30.95 -38.22
C ASP C 142 12.47 30.57 -38.21
N PHE C 143 13.17 30.85 -37.12
CA PHE C 143 14.59 30.47 -36.99
C PHE C 143 14.71 29.04 -36.54
N ASP C 144 15.83 28.37 -36.82
CA ASP C 144 15.99 26.97 -36.40
C ASP C 144 16.65 26.83 -35.04
N SER C 145 16.58 25.63 -34.49
CA SER C 145 16.77 25.43 -33.06
C SER C 145 18.22 25.59 -32.61
N GLN C 146 19.12 25.68 -33.58
CA GLN C 146 20.50 26.06 -33.32
C GLN C 146 20.61 27.45 -32.67
N THR C 147 19.63 28.33 -32.93
CA THR C 147 19.63 29.71 -32.42
C THR C 147 19.00 29.83 -31.05
N ASN C 148 19.71 30.48 -30.13
CA ASN C 148 19.24 30.72 -28.76
C ASN C 148 18.94 32.19 -28.54
N VAL C 149 17.84 32.48 -27.87
CA VAL C 149 17.42 33.87 -27.65
C VAL C 149 17.87 34.35 -26.28
N SER C 150 18.76 35.35 -26.30
CA SER C 150 19.33 35.93 -25.10
C SER C 150 18.39 36.94 -24.47
N GLN C 151 18.64 37.23 -23.19
CA GLN C 151 17.78 38.10 -22.39
C GLN C 151 18.01 39.60 -22.58
N SER C 152 17.21 40.38 -21.87
CA SER C 152 17.15 41.82 -22.02
C SER C 152 18.42 42.52 -21.54
N LYS C 153 19.14 43.15 -22.46
CA LYS C 153 20.31 43.96 -22.12
C LYS C 153 19.90 45.28 -21.46
N ASP C 154 18.64 45.34 -21.04
CA ASP C 154 18.05 46.54 -20.47
C ASP C 154 17.06 46.17 -19.34
N SER C 155 16.67 47.17 -18.57
CA SER C 155 15.70 46.99 -17.50
C SER C 155 14.26 47.26 -17.97
N ASP C 156 14.13 47.89 -19.14
CA ASP C 156 12.83 48.35 -19.67
C ASP C 156 12.41 47.64 -20.95
N VAL C 157 13.30 46.79 -21.45
CA VAL C 157 13.03 45.98 -22.62
C VAL C 157 12.72 44.57 -22.16
N TYR C 158 11.73 43.94 -22.80
CA TYR C 158 11.31 42.60 -22.41
C TYR C 158 11.44 41.64 -23.55
N ILE C 159 12.01 40.49 -23.27
CA ILE C 159 12.25 39.50 -24.31
C ILE C 159 11.93 38.10 -23.79
N THR C 160 11.01 37.41 -24.45
CA THR C 160 10.62 36.05 -24.03
C THR C 160 11.63 35.05 -24.54
N ASP C 161 11.61 33.84 -23.99
CA ASP C 161 12.46 32.79 -24.52
C ASP C 161 11.79 32.18 -25.75
N LYS C 162 12.55 31.39 -26.51
CA LYS C 162 12.00 30.76 -27.70
C LYS C 162 10.90 29.78 -27.35
N CYS C 163 10.01 29.55 -28.30
CA CYS C 163 8.84 28.71 -28.10
C CYS C 163 8.46 28.11 -29.45
N VAL C 164 8.06 26.83 -29.46
CA VAL C 164 7.61 26.17 -30.68
C VAL C 164 6.10 26.10 -30.75
N LEU C 165 5.55 26.33 -31.94
CA LEU C 165 4.15 26.05 -32.20
C LEU C 165 4.04 25.10 -33.40
N ASP C 166 3.14 24.13 -33.27
CA ASP C 166 2.87 23.10 -34.27
C ASP C 166 1.51 23.39 -34.96
N MET C 167 1.54 23.72 -36.25
CA MET C 167 0.30 23.90 -37.05
C MET C 167 -0.08 22.55 -37.64
N ARG C 168 -0.71 21.73 -36.82
CA ARG C 168 -0.80 20.28 -37.05
C ARG C 168 -1.11 19.89 -38.50
N SER C 169 -2.14 20.51 -39.07
CA SER C 169 -2.61 20.12 -40.40
C SER C 169 -1.63 20.46 -41.52
N MET C 170 -0.92 21.59 -41.43
CA MET C 170 0.06 21.93 -42.48
C MET C 170 1.38 21.20 -42.29
N ASP C 171 1.45 20.39 -41.23
CA ASP C 171 2.66 19.65 -40.83
C ASP C 171 3.85 20.60 -40.71
N PHE C 172 3.59 21.71 -40.03
CA PHE C 172 4.49 22.84 -39.97
C PHE C 172 4.71 23.29 -38.52
N LYS C 173 5.98 23.41 -38.14
CA LYS C 173 6.40 23.86 -36.81
C LYS C 173 7.33 25.08 -36.94
N SER C 174 7.24 26.00 -35.98
CA SER C 174 8.08 27.19 -35.97
C SER C 174 8.43 27.72 -34.56
N ASN C 175 9.67 28.14 -34.44
CA ASN C 175 10.15 28.85 -33.26
C ASN C 175 9.75 30.33 -33.28
N SER C 176 9.61 30.93 -32.10
CA SER C 176 9.42 32.37 -32.03
C SER C 176 9.64 32.98 -30.65
N ALA C 177 10.06 34.25 -30.66
CA ALA C 177 10.24 35.02 -29.45
C ALA C 177 9.62 36.39 -29.69
N VAL C 178 9.22 37.05 -28.60
CA VAL C 178 8.58 38.37 -28.60
C VAL C 178 9.38 39.38 -27.77
N ALA C 179 9.53 40.58 -28.27
CA ALA C 179 10.15 41.63 -27.49
C ALA C 179 9.30 42.88 -27.52
N TRP C 180 9.31 43.64 -26.44
CA TRP C 180 8.58 44.92 -26.38
C TRP C 180 9.19 45.87 -25.36
N SER C 181 8.83 47.14 -25.47
CA SER C 181 9.29 48.16 -24.53
C SER C 181 8.43 49.40 -24.66
N ASN C 182 8.49 50.27 -23.65
CA ASN C 182 7.83 51.59 -23.73
C ASN C 182 8.81 52.67 -24.18
N LYS C 183 10.09 52.47 -23.87
CA LYS C 183 11.18 53.41 -24.17
C LYS C 183 11.06 54.11 -25.52
N SER C 184 11.39 55.40 -25.55
CA SER C 184 11.30 56.21 -26.77
C SER C 184 11.89 55.53 -28.01
N ASP C 185 13.21 55.35 -28.03
CA ASP C 185 13.92 54.82 -29.20
C ASP C 185 13.99 53.28 -29.26
N PHE C 186 12.81 52.64 -29.36
CA PHE C 186 12.71 51.18 -29.48
C PHE C 186 12.12 50.75 -30.83
N ALA C 187 12.93 50.02 -31.59
CA ALA C 187 12.54 49.51 -32.90
C ALA C 187 13.00 48.07 -33.02
N CYS C 188 12.40 47.34 -33.95
CA CYS C 188 12.65 45.93 -34.07
C CYS C 188 14.06 45.61 -34.55
N ALA C 189 14.68 46.52 -35.29
CA ALA C 189 16.09 46.36 -35.65
C ALA C 189 16.98 46.37 -34.40
N ASN C 190 16.48 47.00 -33.33
CA ASN C 190 17.19 47.13 -32.04
C ASN C 190 17.00 45.92 -31.19
N ALA C 191 15.74 45.52 -31.04
CA ALA C 191 15.39 44.34 -30.27
C ALA C 191 16.16 43.20 -30.86
N PHE C 192 16.55 42.27 -29.98
CA PHE C 192 17.30 41.09 -30.39
C PHE C 192 18.73 41.43 -30.87
N ASN C 193 19.11 42.70 -30.82
CA ASN C 193 20.49 43.12 -31.06
C ASN C 193 21.37 42.63 -29.93
N ASN C 194 21.14 41.39 -29.53
CA ASN C 194 21.54 40.90 -28.23
C ASN C 194 21.83 39.41 -28.30
N SER C 195 21.02 38.72 -29.10
CA SER C 195 21.20 37.31 -29.36
C SER C 195 22.11 37.18 -30.55
N ILE C 196 22.68 36.00 -30.76
CA ILE C 196 23.36 35.77 -32.02
C ILE C 196 22.27 35.40 -33.03
N ILE C 197 21.82 36.45 -33.71
CA ILE C 197 20.87 36.40 -34.79
C ILE C 197 21.57 35.88 -36.04
N PRO C 198 20.95 34.92 -36.76
CA PRO C 198 21.46 34.50 -38.06
C PRO C 198 21.56 35.68 -39.02
N GLU C 199 22.77 35.97 -39.48
CA GLU C 199 23.08 37.12 -40.33
C GLU C 199 22.07 37.35 -41.47
N ASP C 200 21.44 36.27 -41.94
CA ASP C 200 20.51 36.31 -43.08
C ASP C 200 19.03 36.57 -42.69
N THR C 201 18.83 37.18 -41.53
CA THR C 201 17.48 37.41 -41.03
C THR C 201 16.79 38.55 -41.77
N PHE C 202 15.55 38.29 -42.19
CA PHE C 202 14.72 39.26 -42.88
C PHE C 202 14.24 40.37 -41.93
N PHE C 203 14.56 41.62 -42.30
CA PHE C 203 14.14 42.83 -41.58
C PHE C 203 13.37 43.79 -42.49
N PRO C 204 12.05 43.60 -42.62
CA PRO C 204 11.23 44.43 -43.54
C PRO C 204 11.14 45.90 -43.14
N SER C 205 11.38 46.80 -44.10
CA SER C 205 11.35 48.26 -43.82
C SER C 205 9.92 48.83 -43.73
N ALA D 3 -14.23 6.95 -17.10
CA ALA D 3 -13.77 6.60 -15.71
C ALA D 3 -12.85 7.67 -15.06
N ALA D 4 -13.36 8.91 -14.85
CA ALA D 4 -12.49 10.04 -14.40
C ALA D 4 -12.98 10.92 -13.21
N VAL D 5 -12.03 11.72 -12.69
CA VAL D 5 -12.15 12.40 -11.41
C VAL D 5 -12.01 13.92 -11.60
N THR D 6 -12.83 14.72 -10.93
CA THR D 6 -12.72 16.17 -11.07
C THR D 6 -12.28 16.81 -9.77
N GLN D 7 -11.57 17.92 -9.89
CA GLN D 7 -11.15 18.71 -8.73
C GLN D 7 -11.56 20.17 -8.87
N SER D 8 -11.89 20.81 -7.75
CA SER D 8 -12.18 22.26 -7.74
C SER D 8 -11.64 22.91 -6.47
N PRO D 9 -11.07 24.11 -6.60
CA PRO D 9 -10.90 24.73 -7.91
C PRO D 9 -9.64 24.20 -8.58
N ARG D 10 -9.38 24.63 -9.81
CA ARG D 10 -8.16 24.19 -10.47
C ARG D 10 -6.97 24.91 -9.86
N ASN D 11 -7.21 26.11 -9.36
CA ASN D 11 -6.14 27.03 -9.07
C ASN D 11 -6.55 27.95 -7.92
N LYS D 12 -5.74 28.04 -6.87
CA LYS D 12 -6.16 28.78 -5.69
C LYS D 12 -5.05 29.63 -5.08
N VAL D 13 -5.37 30.89 -4.83
CA VAL D 13 -4.49 31.84 -4.16
C VAL D 13 -5.04 32.19 -2.77
N ALA D 14 -4.39 31.69 -1.72
CA ALA D 14 -4.83 31.97 -0.36
C ALA D 14 -3.83 32.84 0.41
N VAL D 15 -4.25 33.34 1.57
CA VAL D 15 -3.38 34.06 2.51
C VAL D 15 -3.06 33.21 3.75
N THR D 16 -1.84 33.36 4.28
CA THR D 16 -1.42 32.68 5.52
C THR D 16 -2.48 32.82 6.58
N GLY D 17 -2.93 31.71 7.13
CA GLY D 17 -3.93 31.74 8.19
C GLY D 17 -5.36 31.74 7.66
N GLY D 18 -5.50 31.51 6.35
CA GLY D 18 -6.81 31.34 5.75
C GLY D 18 -7.26 29.90 5.85
N LYS D 19 -8.58 29.69 5.79
CA LYS D 19 -9.15 28.38 5.65
C LYS D 19 -9.29 28.09 4.16
N VAL D 20 -8.86 26.91 3.75
CA VAL D 20 -8.90 26.54 2.34
C VAL D 20 -9.44 25.14 2.19
N THR D 21 -10.37 24.97 1.26
CA THR D 21 -10.97 23.68 1.00
C THR D 21 -10.75 23.30 -0.46
N LEU D 22 -10.03 22.20 -0.66
CA LEU D 22 -9.82 21.67 -1.99
C LEU D 22 -10.73 20.48 -2.15
N SER D 23 -11.66 20.56 -3.10
CA SER D 23 -12.61 19.50 -3.38
C SER D 23 -12.24 18.51 -4.48
N CYS D 24 -12.74 17.28 -4.32
CA CYS D 24 -12.59 16.21 -5.29
C CYS D 24 -13.88 15.43 -5.46
N ASN D 25 -14.22 15.12 -6.71
CA ASN D 25 -15.53 14.56 -7.02
C ASN D 25 -15.45 13.50 -8.12
N GLN D 26 -15.99 12.30 -7.83
CA GLN D 26 -16.00 11.18 -8.78
C GLN D 26 -17.35 10.48 -8.82
N THR D 27 -17.78 10.07 -10.01
CA THR D 27 -19.08 9.39 -10.15
C THR D 27 -18.93 7.92 -10.56
N ASN D 28 -17.74 7.37 -10.32
CA ASN D 28 -17.44 5.98 -10.65
C ASN D 28 -18.01 5.01 -9.64
N ASN D 29 -18.60 5.56 -8.58
CA ASN D 29 -19.00 4.76 -7.45
C ASN D 29 -17.79 4.00 -6.84
N HIS D 30 -16.61 4.63 -6.81
CA HIS D 30 -15.47 4.05 -6.11
C HIS D 30 -15.56 4.25 -4.61
N ASN D 31 -15.14 3.26 -3.84
CA ASN D 31 -15.20 3.38 -2.40
C ASN D 31 -14.10 4.32 -1.89
N ASN D 32 -12.97 4.29 -2.57
CA ASN D 32 -11.72 4.75 -2.00
C ASN D 32 -11.18 5.95 -2.72
N MET D 33 -10.93 7.02 -1.96
CA MET D 33 -10.32 8.24 -2.49
C MET D 33 -9.09 8.65 -1.70
N TYR D 34 -8.16 9.31 -2.38
CA TYR D 34 -6.83 9.53 -1.87
C TYR D 34 -6.43 10.96 -2.18
N TRP D 35 -5.77 11.63 -1.25
CA TRP D 35 -5.20 12.94 -1.50
C TRP D 35 -3.68 12.92 -1.48
N TYR D 36 -3.10 13.46 -2.54
CA TYR D 36 -1.66 13.59 -2.62
C TYR D 36 -1.27 15.05 -2.86
N ARG D 37 0.00 15.35 -2.58
CA ARG D 37 0.62 16.62 -3.04
C ARG D 37 1.91 16.34 -3.84
N GLN D 38 2.24 17.22 -4.76
CA GLN D 38 3.47 17.07 -5.55
C GLN D 38 4.39 18.26 -5.37
N ASP D 39 5.65 18.02 -5.01
CA ASP D 39 6.63 19.11 -4.92
C ASP D 39 7.88 18.73 -5.71
N THR D 40 8.46 19.67 -6.44
CA THR D 40 9.64 19.35 -7.23
C THR D 40 10.73 18.68 -6.35
N GLY D 41 11.40 17.67 -6.95
CA GLY D 41 12.41 16.84 -6.28
C GLY D 41 11.78 15.73 -5.46
N HIS D 42 10.46 15.56 -5.57
CA HIS D 42 9.71 14.59 -4.77
C HIS D 42 8.67 13.88 -5.63
N GLY D 43 8.44 12.61 -5.34
CA GLY D 43 7.27 11.95 -5.90
C GLY D 43 6.02 12.52 -5.26
N LEU D 44 4.85 12.06 -5.68
CA LEU D 44 3.64 12.33 -4.95
C LEU D 44 3.74 11.73 -3.55
N ARG D 45 3.21 12.46 -2.57
CA ARG D 45 3.13 11.97 -1.19
C ARG D 45 1.69 12.01 -0.66
N LEU D 46 1.24 10.91 -0.08
CA LEU D 46 -0.09 10.76 0.47
C LEU D 46 -0.26 11.56 1.75
N ILE D 47 -1.37 12.30 1.82
CA ILE D 47 -1.72 13.15 2.96
C ILE D 47 -2.84 12.54 3.80
N HIS D 48 -3.99 12.30 3.18
CA HIS D 48 -5.13 11.57 3.80
C HIS D 48 -5.81 10.72 2.72
N TYR D 49 -6.58 9.72 3.15
CA TYR D 49 -7.35 8.92 2.22
C TYR D 49 -8.59 8.35 2.89
N SER D 50 -9.41 7.62 2.12
CA SER D 50 -10.72 7.20 2.57
C SER D 50 -11.18 5.93 1.92
N TYR D 51 -11.82 5.10 2.71
CA TYR D 51 -12.36 3.83 2.28
C TYR D 51 -13.88 3.86 2.17
N GLY D 52 -14.47 5.05 2.28
CA GLY D 52 -15.91 5.19 2.12
C GLY D 52 -16.43 6.43 2.81
N ALA D 53 -17.68 6.76 2.50
CA ALA D 53 -18.38 7.85 3.16
C ALA D 53 -18.27 7.62 4.65
N GLY D 54 -17.92 8.66 5.39
CA GLY D 54 -17.74 8.60 6.84
C GLY D 54 -16.29 8.37 7.28
N SER D 55 -15.48 7.76 6.43
CA SER D 55 -14.10 7.40 6.72
C SER D 55 -13.09 8.43 6.23
N THR D 56 -12.16 8.80 7.10
CA THR D 56 -10.92 9.43 6.66
C THR D 56 -9.77 8.77 7.41
N GLU D 57 -8.60 8.74 6.78
CA GLU D 57 -7.43 8.08 7.33
C GLU D 57 -6.17 8.82 7.00
N LYS D 58 -5.34 9.00 8.02
CA LYS D 58 -4.03 9.60 7.85
C LYS D 58 -3.19 8.79 6.87
N GLY D 59 -2.48 9.52 6.01
CA GLY D 59 -1.40 8.96 5.19
C GLY D 59 -0.05 9.31 5.78
N ASP D 60 0.94 9.52 4.92
CA ASP D 60 2.33 9.76 5.32
C ASP D 60 2.61 11.12 5.87
N ILE D 61 1.96 12.15 5.34
CA ILE D 61 2.22 13.54 5.77
C ILE D 61 0.93 14.28 6.09
N PRO D 62 0.24 13.86 7.14
CA PRO D 62 -1.07 14.40 7.40
C PRO D 62 -1.07 15.77 8.12
N ASP D 63 0.01 16.11 8.81
CA ASP D 63 0.06 17.33 9.61
C ASP D 63 -0.28 18.58 8.81
N GLY D 64 -1.19 19.36 9.35
CA GLY D 64 -1.61 20.62 8.73
C GLY D 64 -2.86 20.50 7.90
N TYR D 65 -3.41 19.29 7.83
CA TYR D 65 -4.54 18.98 6.96
C TYR D 65 -5.58 18.16 7.71
N LYS D 66 -6.86 18.41 7.45
CA LYS D 66 -7.91 17.48 7.82
C LYS D 66 -8.58 17.01 6.53
N ALA D 67 -9.23 15.84 6.57
CA ALA D 67 -9.91 15.30 5.41
C ALA D 67 -11.37 15.17 5.70
N SER D 68 -12.20 15.13 4.66
CA SER D 68 -13.65 14.95 4.87
C SER D 68 -14.27 14.14 3.75
N ARG D 69 -15.04 13.12 4.11
CA ARG D 69 -15.70 12.28 3.14
C ARG D 69 -17.20 12.27 3.46
N PRO D 70 -17.91 13.35 3.10
CA PRO D 70 -19.35 13.40 3.43
C PRO D 70 -20.19 12.42 2.62
N SER D 71 -19.63 11.86 1.56
CA SER D 71 -20.42 11.04 0.66
C SER D 71 -19.48 10.21 -0.19
N GLN D 72 -20.07 9.20 -0.83
CA GLN D 72 -19.36 8.36 -1.79
C GLN D 72 -18.60 9.25 -2.80
N GLU D 73 -19.33 10.23 -3.35
CA GLU D 73 -18.84 11.16 -4.38
C GLU D 73 -17.73 12.12 -3.98
N ASN D 74 -17.79 12.69 -2.78
CA ASN D 74 -16.95 13.84 -2.45
C ASN D 74 -15.84 13.60 -1.41
N PHE D 75 -14.64 14.08 -1.69
CA PHE D 75 -13.53 13.99 -0.76
C PHE D 75 -12.83 15.33 -0.69
N SER D 76 -12.81 15.94 0.49
CA SER D 76 -12.19 17.25 0.67
C SER D 76 -10.90 17.20 1.47
N LEU D 77 -10.02 18.13 1.14
CA LEU D 77 -8.82 18.39 1.91
C LEU D 77 -9.00 19.81 2.42
N ILE D 78 -8.81 19.97 3.72
CA ILE D 78 -9.08 21.25 4.37
C ILE D 78 -7.82 21.74 5.09
N LEU D 79 -7.53 23.02 4.92
CA LEU D 79 -6.38 23.62 5.54
C LEU D 79 -6.96 24.68 6.45
N GLU D 80 -7.07 24.39 7.74
CA GLU D 80 -7.74 25.31 8.68
C GLU D 80 -6.95 26.59 8.93
N LEU D 81 -5.64 26.52 8.70
CA LEU D 81 -4.71 27.62 8.95
C LEU D 81 -3.57 27.51 7.96
N ALA D 82 -3.71 28.18 6.82
CA ALA D 82 -2.78 27.96 5.71
C ALA D 82 -1.41 28.55 6.03
N THR D 83 -0.37 27.85 5.57
CA THR D 83 1.01 28.32 5.71
C THR D 83 1.68 28.31 4.34
N PRO D 84 2.70 29.14 4.15
CA PRO D 84 3.32 29.13 2.82
C PRO D 84 3.85 27.75 2.42
N SER D 85 4.27 26.96 3.40
CA SER D 85 4.84 25.63 3.15
C SER D 85 3.82 24.66 2.55
N GLN D 86 2.56 25.09 2.44
CA GLN D 86 1.55 24.26 1.81
C GLN D 86 1.30 24.61 0.34
N THR D 87 2.08 25.55 -0.17
CA THR D 87 2.09 25.86 -1.58
C THR D 87 2.54 24.62 -2.31
N SER D 88 1.68 24.15 -3.20
CA SER D 88 1.89 22.87 -3.87
C SER D 88 0.87 22.66 -4.96
N VAL D 89 1.04 21.57 -5.70
CA VAL D 89 0.02 21.12 -6.61
C VAL D 89 -0.62 19.90 -5.95
N TYR D 90 -1.95 19.84 -5.90
CA TYR D 90 -2.60 18.77 -5.13
C TYR D 90 -3.40 17.83 -6.02
N PHE D 91 -3.09 16.55 -5.94
CA PHE D 91 -3.81 15.62 -6.77
C PHE D 91 -4.74 14.76 -5.91
N CYS D 92 -5.99 14.67 -6.34
CA CYS D 92 -6.90 13.72 -5.75
C CYS D 92 -7.01 12.50 -6.63
N ALA D 93 -7.27 11.34 -6.04
CA ALA D 93 -7.52 10.14 -6.86
C ALA D 93 -8.60 9.30 -6.22
N SER D 94 -9.12 8.34 -6.97
CA SER D 94 -10.17 7.41 -6.50
C SER D 94 -9.91 6.05 -7.10
N GLY D 95 -10.53 5.01 -6.55
CA GLY D 95 -10.30 3.67 -7.06
C GLY D 95 -11.16 2.65 -6.38
N ASP D 96 -11.42 1.53 -7.05
CA ASP D 96 -12.22 0.45 -6.47
C ASP D 96 -11.31 -0.50 -5.69
N GLU D 97 -11.63 -1.80 -5.71
CA GLU D 97 -10.88 -2.77 -4.93
C GLU D 97 -9.55 -3.07 -5.59
N GLY D 98 -9.43 -2.67 -6.84
CA GLY D 98 -8.28 -3.00 -7.64
C GLY D 98 -7.09 -2.17 -7.28
N TYR D 99 -5.98 -2.38 -7.96
CA TYR D 99 -4.82 -1.61 -7.64
C TYR D 99 -4.74 -0.29 -8.37
N THR D 100 -5.55 -0.10 -9.41
CA THR D 100 -5.52 1.15 -10.17
C THR D 100 -6.12 2.32 -9.40
N GLN D 101 -5.42 3.44 -9.39
CA GLN D 101 -5.94 4.70 -8.86
C GLN D 101 -6.09 5.68 -10.02
N TYR D 102 -7.27 6.30 -10.12
CA TYR D 102 -7.54 7.26 -11.19
C TYR D 102 -7.41 8.67 -10.66
N PHE D 103 -6.52 9.42 -11.30
CA PHE D 103 -6.09 10.72 -10.79
C PHE D 103 -6.83 11.92 -11.38
N GLY D 104 -7.12 12.90 -10.53
CA GLY D 104 -7.70 14.17 -10.94
C GLY D 104 -6.70 15.01 -11.72
N PRO D 105 -7.18 16.07 -12.37
CA PRO D 105 -6.34 16.95 -13.20
C PRO D 105 -5.37 17.79 -12.37
N GLY D 106 -5.62 17.93 -11.07
CA GLY D 106 -4.73 18.65 -10.18
C GLY D 106 -5.14 20.06 -9.83
N THR D 107 -4.69 20.54 -8.67
CA THR D 107 -5.00 21.85 -8.15
C THR D 107 -3.75 22.57 -7.66
N ARG D 108 -3.39 23.61 -8.39
CA ARG D 108 -2.23 24.42 -8.06
C ARG D 108 -2.61 25.41 -6.97
N LEU D 109 -2.01 25.25 -5.79
CA LEU D 109 -2.29 26.15 -4.67
C LEU D 109 -1.07 26.93 -4.23
N LEU D 110 -1.30 28.24 -4.00
CA LEU D 110 -0.29 29.16 -3.50
C LEU D 110 -0.77 29.94 -2.28
N VAL D 111 -0.04 29.83 -1.19
CA VAL D 111 -0.32 30.59 0.02
C VAL D 111 0.70 31.73 0.13
N LEU D 112 0.26 32.88 0.63
CA LEU D 112 1.05 34.09 0.63
C LEU D 112 1.02 34.80 1.95
N GLU D 113 2.05 35.57 2.25
CA GLU D 113 2.10 36.32 3.51
C GLU D 113 1.05 37.41 3.60
N ASP D 114 0.86 38.16 2.52
CA ASP D 114 -0.31 39.06 2.39
C ASP D 114 -0.78 39.17 0.94
N LEU D 115 -1.98 39.68 0.76
CA LEU D 115 -2.57 39.76 -0.58
C LEU D 115 -2.52 41.14 -1.22
N ARG D 116 -1.91 42.10 -0.53
CA ARG D 116 -1.89 43.53 -0.93
C ARG D 116 -1.46 43.82 -2.37
N ASN D 117 -0.68 42.90 -2.96
CA ASN D 117 -0.07 43.09 -4.26
C ASN D 117 -0.85 42.51 -5.42
N VAL D 118 -1.81 41.63 -5.11
CA VAL D 118 -2.60 40.93 -6.10
C VAL D 118 -3.23 41.91 -7.10
N THR D 119 -2.98 41.66 -8.38
CA THR D 119 -3.45 42.53 -9.44
C THR D 119 -3.80 41.62 -10.61
N PRO D 120 -4.96 41.86 -11.25
CA PRO D 120 -5.30 41.15 -12.47
C PRO D 120 -4.48 41.72 -13.62
N PRO D 121 -4.34 40.97 -14.71
CA PRO D 121 -3.55 41.50 -15.81
C PRO D 121 -4.30 42.51 -16.67
N LYS D 122 -3.53 43.22 -17.50
CA LYS D 122 -4.04 43.91 -18.67
C LYS D 122 -3.71 43.07 -19.89
N VAL D 123 -4.73 42.71 -20.67
CA VAL D 123 -4.53 41.85 -21.81
C VAL D 123 -4.64 42.65 -23.10
N SER D 124 -3.63 42.50 -23.97
CA SER D 124 -3.58 43.12 -25.29
C SER D 124 -3.40 42.07 -26.38
N LEU D 125 -3.98 42.32 -27.54
CA LEU D 125 -3.80 41.43 -28.68
C LEU D 125 -3.14 42.21 -29.81
N PHE D 126 -2.08 41.64 -30.38
CA PHE D 126 -1.38 42.29 -31.48
C PHE D 126 -1.64 41.57 -32.79
N GLU D 127 -1.92 42.38 -33.83
CA GLU D 127 -2.40 41.86 -35.10
C GLU D 127 -1.23 41.58 -36.02
N PRO D 128 -1.31 40.47 -36.78
CA PRO D 128 -0.28 39.93 -37.64
C PRO D 128 0.20 40.97 -38.63
N SER D 129 1.48 40.93 -38.98
CA SER D 129 2.04 41.94 -39.88
C SER D 129 1.77 41.60 -41.34
N LYS D 130 1.65 42.64 -42.16
CA LYS D 130 1.48 42.51 -43.60
C LYS D 130 2.70 41.85 -44.23
N ALA D 131 3.88 42.23 -43.72
CA ALA D 131 5.16 41.74 -44.21
C ALA D 131 5.27 40.24 -44.01
N GLU D 132 4.85 39.77 -42.82
CA GLU D 132 4.72 38.35 -42.54
C GLU D 132 3.82 37.68 -43.59
N ILE D 133 2.58 38.16 -43.68
CA ILE D 133 1.61 37.61 -44.60
C ILE D 133 2.18 37.47 -46.01
N SER D 134 2.75 38.54 -46.54
CA SER D 134 3.25 38.46 -47.91
C SER D 134 4.44 37.52 -48.02
N HIS D 135 5.25 37.44 -46.95
CA HIS D 135 6.47 36.65 -47.02
C HIS D 135 6.23 35.14 -46.93
N THR D 136 5.40 34.71 -45.99
CA THR D 136 5.30 33.30 -45.63
C THR D 136 3.93 32.72 -45.88
N GLN D 137 2.98 33.57 -46.24
CA GLN D 137 1.59 33.16 -46.43
C GLN D 137 0.96 32.65 -45.15
N LYS D 138 1.61 32.96 -44.02
CA LYS D 138 1.08 32.65 -42.69
C LYS D 138 0.97 33.94 -41.87
N ALA D 139 0.11 33.91 -40.85
CA ALA D 139 -0.19 35.09 -40.05
C ALA D 139 -0.16 34.78 -38.56
N THR D 140 0.73 35.45 -37.84
CA THR D 140 0.85 35.20 -36.41
C THR D 140 0.19 36.26 -35.55
N LEU D 141 -0.68 35.85 -34.63
CA LEU D 141 -1.24 36.76 -33.65
C LEU D 141 -0.42 36.62 -32.39
N VAL D 142 -0.31 37.71 -31.63
CA VAL D 142 0.47 37.68 -30.40
C VAL D 142 -0.35 38.26 -29.26
N CYS D 143 -0.30 37.60 -28.12
CA CYS D 143 -1.04 38.09 -26.99
C CYS D 143 -0.14 38.44 -25.85
N LEU D 144 -0.37 39.62 -25.27
CA LEU D 144 0.34 40.08 -24.08
C LEU D 144 -0.57 40.24 -22.88
N ALA D 145 -0.32 39.47 -21.82
CA ALA D 145 -0.91 39.79 -20.52
C ALA D 145 0.20 40.43 -19.71
N THR D 146 -0.08 41.57 -19.10
CA THR D 146 0.96 42.31 -18.39
C THR D 146 0.46 42.87 -17.05
N GLY D 147 1.38 43.07 -16.10
CA GLY D 147 1.09 43.77 -14.85
C GLY D 147 0.33 43.01 -13.77
N PHE D 148 0.30 41.68 -13.88
CA PHE D 148 -0.45 40.87 -12.94
C PHE D 148 0.39 40.27 -11.83
N TYR D 149 -0.28 39.86 -10.74
CA TYR D 149 0.38 39.21 -9.61
C TYR D 149 -0.64 38.42 -8.78
N PRO D 150 -0.27 37.22 -8.29
CA PRO D 150 0.92 36.42 -8.56
C PRO D 150 0.88 35.84 -9.99
N ASP D 151 1.67 34.81 -10.28
CA ASP D 151 1.76 34.27 -11.63
C ASP D 151 0.85 33.06 -11.81
N HIS D 152 -0.39 33.18 -11.35
CA HIS D 152 -1.38 32.11 -11.53
C HIS D 152 -2.41 32.52 -12.55
N VAL D 153 -2.00 32.46 -13.83
CA VAL D 153 -2.90 32.66 -14.96
C VAL D 153 -2.91 31.45 -15.87
N GLU D 154 -4.09 31.15 -16.41
CA GLU D 154 -4.26 30.21 -17.51
C GLU D 154 -4.57 31.03 -18.77
N LEU D 155 -3.74 30.93 -19.81
CA LEU D 155 -3.98 31.65 -21.08
C LEU D 155 -4.47 30.71 -22.19
N SER D 156 -5.56 31.10 -22.87
CA SER D 156 -6.12 30.30 -23.97
C SER D 156 -6.54 31.13 -25.18
N TRP D 157 -6.52 30.52 -26.37
CA TRP D 157 -6.98 31.16 -27.60
C TRP D 157 -8.34 30.63 -28.02
N TRP D 158 -9.19 31.55 -28.47
CA TRP D 158 -10.50 31.15 -28.91
C TRP D 158 -10.76 31.71 -30.29
N VAL D 159 -11.25 30.85 -31.16
CA VAL D 159 -11.57 31.22 -32.52
C VAL D 159 -13.03 30.86 -32.77
N ASN D 160 -13.81 31.87 -33.16
CA ASN D 160 -15.26 31.77 -33.27
C ASN D 160 -15.95 31.12 -32.07
N GLY D 161 -15.43 31.35 -30.87
CA GLY D 161 -16.05 30.84 -29.63
C GLY D 161 -15.69 29.39 -29.35
N LYS D 162 -14.86 28.83 -30.20
CA LYS D 162 -14.34 27.50 -29.96
C LYS D 162 -12.85 27.66 -29.64
N GLU D 163 -12.36 26.91 -28.65
CA GLU D 163 -10.93 26.95 -28.24
C GLU D 163 -10.07 26.29 -29.30
N VAL D 164 -8.86 26.83 -29.50
CA VAL D 164 -7.90 26.22 -30.43
C VAL D 164 -6.57 26.00 -29.76
N HIS D 165 -5.89 24.93 -30.21
CA HIS D 165 -4.62 24.49 -29.62
C HIS D 165 -3.56 24.39 -30.71
N SER D 166 -3.94 23.88 -31.88
CA SER D 166 -3.06 23.85 -33.04
C SER D 166 -2.55 25.28 -33.33
N GLY D 167 -1.29 25.38 -33.77
CA GLY D 167 -0.62 26.66 -34.00
C GLY D 167 -0.41 27.58 -32.80
N VAL D 168 -0.58 27.04 -31.60
CA VAL D 168 -0.48 27.86 -30.40
C VAL D 168 0.79 27.55 -29.63
N CYS D 169 1.42 28.59 -29.10
CA CYS D 169 2.41 28.39 -28.05
C CYS D 169 2.52 29.54 -27.05
N THR D 170 2.62 29.17 -25.78
CA THR D 170 2.60 30.12 -24.70
C THR D 170 3.89 29.99 -23.93
N ASP D 171 4.50 31.11 -23.55
CA ASP D 171 5.75 31.07 -22.79
C ASP D 171 5.65 30.03 -21.70
N PRO D 172 6.71 29.23 -21.50
CA PRO D 172 6.69 28.23 -20.44
C PRO D 172 6.51 28.86 -19.06
N GLN D 173 7.18 29.98 -18.79
CA GLN D 173 6.94 30.75 -17.54
C GLN D 173 6.77 32.25 -17.79
N PRO D 174 6.13 32.95 -16.83
CA PRO D 174 5.97 34.38 -16.99
C PRO D 174 7.28 35.03 -16.63
N LEU D 175 7.59 36.17 -17.25
CA LEU D 175 8.77 36.94 -16.84
C LEU D 175 8.40 38.09 -15.91
N LYS D 176 9.30 38.40 -14.99
CA LYS D 176 9.10 39.46 -14.00
C LYS D 176 9.27 40.86 -14.61
N GLU D 177 8.35 41.78 -14.31
CA GLU D 177 8.42 43.13 -14.87
C GLU D 177 9.53 43.92 -14.21
N GLN D 178 9.94 43.47 -13.03
CA GLN D 178 10.88 44.20 -12.20
C GLN D 178 11.68 43.27 -11.25
N PRO D 179 12.73 42.57 -11.77
CA PRO D 179 13.44 41.56 -10.96
C PRO D 179 14.08 42.07 -9.69
N ALA D 180 14.23 43.38 -9.57
CA ALA D 180 14.87 43.95 -8.39
C ALA D 180 13.94 43.89 -7.16
N LEU D 181 12.63 43.81 -7.40
CA LEU D 181 11.64 43.72 -6.33
C LEU D 181 11.07 42.30 -6.19
N ASN D 182 10.85 41.87 -4.95
CA ASN D 182 10.34 40.52 -4.68
C ASN D 182 8.84 40.37 -5.01
N ASP D 183 8.12 41.48 -4.94
CA ASP D 183 6.69 41.47 -5.19
C ASP D 183 6.43 41.86 -6.63
N SER D 184 7.42 41.64 -7.48
CA SER D 184 7.36 42.03 -8.88
C SER D 184 6.09 41.53 -9.52
N ARG D 185 5.50 42.33 -10.42
CA ARG D 185 4.42 41.83 -11.27
C ARG D 185 4.98 40.91 -12.34
N TYR D 186 4.10 40.20 -13.04
CA TYR D 186 4.50 39.31 -14.12
C TYR D 186 3.95 39.73 -15.48
N SER D 187 4.59 39.22 -16.53
CA SER D 187 4.08 39.33 -17.90
C SER D 187 4.22 37.97 -18.56
N LEU D 188 3.35 37.71 -19.52
CA LEU D 188 3.30 36.44 -20.20
C LEU D 188 2.95 36.73 -21.65
N SER D 189 3.51 35.96 -22.58
CA SER D 189 3.07 36.09 -23.96
C SER D 189 2.71 34.77 -24.62
N SER D 190 1.98 34.89 -25.72
CA SER D 190 1.54 33.73 -26.44
C SER D 190 1.37 34.01 -27.93
N ARG D 191 1.45 32.94 -28.72
CA ARG D 191 1.28 33.07 -30.16
C ARG D 191 0.29 32.08 -30.70
N LEU D 192 -0.46 32.56 -31.69
CA LEU D 192 -1.31 31.71 -32.50
C LEU D 192 -1.01 32.03 -33.94
N ARG D 193 -0.67 31.00 -34.72
CA ARG D 193 -0.37 31.20 -36.14
C ARG D 193 -1.42 30.57 -37.00
N VAL D 194 -1.94 31.34 -37.96
CA VAL D 194 -2.96 30.83 -38.84
C VAL D 194 -2.49 31.14 -40.23
N SER D 195 -3.07 30.46 -41.20
CA SER D 195 -2.79 30.74 -42.60
C SER D 195 -3.35 32.10 -42.95
N ALA D 196 -2.68 32.79 -43.87
CA ALA D 196 -3.12 34.09 -44.34
C ALA D 196 -4.62 34.09 -44.63
N THR D 197 -5.08 33.13 -45.44
CA THR D 197 -6.48 33.09 -45.90
C THR D 197 -7.46 33.12 -44.73
N PHE D 198 -7.10 32.42 -43.65
CA PHE D 198 -7.92 32.37 -42.45
C PHE D 198 -8.02 33.75 -41.79
N TRP D 199 -6.89 34.44 -41.64
CA TRP D 199 -6.87 35.78 -41.03
C TRP D 199 -7.51 36.84 -41.91
N GLN D 200 -7.48 36.61 -43.21
CA GLN D 200 -8.00 37.59 -44.15
C GLN D 200 -9.50 37.47 -44.33
N ASN D 201 -10.11 36.54 -43.60
CA ASN D 201 -11.57 36.44 -43.59
C ASN D 201 -12.16 37.26 -42.46
N PRO D 202 -12.85 38.36 -42.80
CA PRO D 202 -13.43 39.30 -41.85
C PRO D 202 -14.57 38.72 -41.03
N ARG D 203 -14.89 37.43 -41.23
CA ARG D 203 -15.91 36.74 -40.43
C ARG D 203 -15.31 35.93 -39.27
N ASN D 204 -14.01 35.63 -39.32
CA ASN D 204 -13.36 34.96 -38.21
C ASN D 204 -13.05 35.92 -37.05
N HIS D 205 -13.55 35.58 -35.87
CA HIS D 205 -13.38 36.37 -34.65
C HIS D 205 -12.27 35.77 -33.78
N PHE D 206 -11.24 36.54 -33.48
CA PHE D 206 -10.13 36.03 -32.68
C PHE D 206 -10.15 36.65 -31.32
N ARG D 207 -9.96 35.81 -30.30
CA ARG D 207 -9.89 36.31 -28.95
C ARG D 207 -8.83 35.61 -28.10
N CYS D 208 -8.13 36.41 -27.33
CA CYS D 208 -7.07 35.94 -26.47
C CYS D 208 -7.59 36.06 -25.04
N GLN D 209 -7.70 34.95 -24.33
CA GLN D 209 -8.35 34.92 -23.00
C GLN D 209 -7.38 34.55 -21.89
N VAL D 210 -7.33 35.39 -20.85
CA VAL D 210 -6.50 35.08 -19.68
C VAL D 210 -7.39 34.97 -18.44
N GLN D 211 -7.41 33.76 -17.87
CA GLN D 211 -8.11 33.49 -16.65
C GLN D 211 -7.12 33.79 -15.53
N PHE D 212 -7.47 34.77 -14.70
CA PHE D 212 -6.61 35.21 -13.59
C PHE D 212 -7.17 34.68 -12.28
N TYR D 213 -6.28 34.18 -11.43
CA TYR D 213 -6.69 33.70 -10.11
C TYR D 213 -6.21 34.64 -9.03
N GLY D 214 -7.18 35.20 -8.31
CA GLY D 214 -6.88 36.07 -7.24
C GLY D 214 -7.76 35.75 -6.05
N LEU D 215 -8.28 36.82 -5.47
CA LEU D 215 -9.16 36.80 -4.32
C LEU D 215 -10.55 36.31 -4.65
N SER D 216 -11.33 36.15 -3.59
CA SER D 216 -12.68 35.68 -3.68
C SER D 216 -13.61 36.67 -3.01
N GLU D 217 -14.86 36.25 -2.87
CA GLU D 217 -15.95 37.02 -2.27
C GLU D 217 -15.88 37.07 -0.75
N ASN D 218 -15.08 36.19 -0.15
CA ASN D 218 -14.93 36.21 1.32
C ASN D 218 -13.61 36.79 1.80
N ASP D 219 -12.73 37.15 0.87
CA ASP D 219 -11.49 37.81 1.24
C ASP D 219 -11.77 39.28 1.54
N GLU D 220 -11.24 39.77 2.66
CA GLU D 220 -11.38 41.18 3.03
C GLU D 220 -10.40 42.01 2.20
N TRP D 221 -10.85 43.17 1.74
CA TRP D 221 -10.04 44.08 0.95
C TRP D 221 -10.16 45.51 1.49
N THR D 222 -9.03 46.05 1.96
CA THR D 222 -9.01 47.35 2.64
C THR D 222 -8.57 48.51 1.74
N GLN D 223 -7.90 48.18 0.64
CA GLN D 223 -7.36 49.15 -0.30
C GLN D 223 -8.43 49.81 -1.14
N ASP D 224 -8.06 50.96 -1.72
CA ASP D 224 -8.97 51.74 -2.55
C ASP D 224 -9.26 51.11 -3.92
N ARG D 225 -8.26 50.56 -4.60
CA ARG D 225 -8.50 50.01 -5.95
C ARG D 225 -9.59 48.95 -6.03
N ALA D 226 -9.95 48.60 -7.26
CA ALA D 226 -10.98 47.62 -7.52
C ALA D 226 -10.48 46.35 -6.92
N LYS D 227 -11.35 45.60 -6.25
CA LYS D 227 -10.92 44.33 -5.68
C LYS D 227 -10.41 43.42 -6.82
N PRO D 228 -9.16 42.91 -6.69
CA PRO D 228 -8.53 42.04 -7.71
C PRO D 228 -8.98 40.57 -7.58
N VAL D 229 -10.24 40.32 -7.90
CA VAL D 229 -10.83 39.01 -7.69
C VAL D 229 -10.45 38.07 -8.80
N THR D 230 -10.69 36.79 -8.60
CA THR D 230 -10.54 35.83 -9.68
C THR D 230 -11.46 36.29 -10.78
N GLN D 231 -10.91 36.50 -11.97
CA GLN D 231 -11.69 36.96 -13.11
C GLN D 231 -11.04 36.56 -14.44
N ILE D 232 -11.77 36.76 -15.52
CA ILE D 232 -11.20 36.64 -16.86
C ILE D 232 -10.98 38.02 -17.50
N VAL D 233 -9.88 38.16 -18.25
CA VAL D 233 -9.63 39.36 -19.04
C VAL D 233 -9.18 38.91 -20.42
N SER D 234 -9.69 39.56 -21.46
CA SER D 234 -9.37 39.15 -22.82
C SER D 234 -9.21 40.33 -23.78
N ALA D 235 -8.65 40.05 -24.94
CA ALA D 235 -8.61 41.00 -26.04
C ALA D 235 -9.07 40.25 -27.27
N GLU D 236 -9.58 41.02 -28.23
CA GLU D 236 -10.28 40.47 -29.37
C GLU D 236 -9.82 41.19 -30.63
N ALA D 237 -10.01 40.54 -31.79
CA ALA D 237 -9.81 41.16 -33.10
C ALA D 237 -10.55 40.34 -34.12
N TRP D 238 -10.94 40.97 -35.21
CA TRP D 238 -11.49 40.27 -36.36
C TRP D 238 -10.47 40.24 -37.48
N GLY D 239 -10.40 39.14 -38.22
CA GLY D 239 -9.58 39.10 -39.43
C GLY D 239 -9.96 40.21 -40.39
N ARG D 240 -8.99 40.72 -41.15
CA ARG D 240 -9.30 41.76 -42.14
C ARG D 240 -8.64 41.48 -43.47
N ALA D 241 -9.31 41.91 -44.51
CA ALA D 241 -8.86 41.75 -45.89
C ALA D 241 -7.87 42.86 -46.26
#